data_9I04
#
_entry.id   9I04
#
_cell.length_a   1.00
_cell.length_b   1.00
_cell.length_c   1.00
_cell.angle_alpha   90.00
_cell.angle_beta   90.00
_cell.angle_gamma   90.00
#
_symmetry.space_group_name_H-M   'P 1'
#
loop_
_entity.id
_entity.type
_entity.pdbx_description
1 polymer 'X-ray repair cross-complementing protein 6'
2 polymer 'X-ray repair cross-complementing protein 5'
3 polymer 'DNA-directed DNA/RNA polymerase mu'
4 polymer "DNA (5'-D(P*GP*GP*TP*GP*CP*AP*GP*CP*AP*CP*AP*GP*TP*G)-3')"
5 polymer "DNA (5'-D(P*GP*CP*AP*CP*TP*GP*TP*GP*CP*TP*GP*CP*AP*C)-3')"
#
loop_
_entity_poly.entity_id
_entity_poly.type
_entity_poly.pdbx_seq_one_letter_code
_entity_poly.pdbx_strand_id
1 'polypeptide(L)'
;SLIFLVDASKAMFESQSEDELTPFDMSIQCIQSVYISKIISSDRDLLAVVFYGTEKDKNSVNFKNIYVLQELDNPGAKRI
LELDQFKGQQGQKRFQDMMGHGSDYSLSEVLWVCANLFSDVQFKMSHKRIMLFTNEDNPHGNDSAKASRARTKAGDLRDT
GIFLDLMHLKKPGGFDISLFYRDIISIAEDEDLRVHFEESSKLEDLLRKVRAKETRKRALSRLKLKLNKDIVISVGIYNL
VQKALKPPPIKLYRETNEPVKTKTRTFNTSTGGLLLPSDTKRSQIYGSRQIILEKEETEELKRFDDPGLMLMGFKPLVLL
KKHHYLRPSLFVYPEESLVIGSSTLFSALLIKCLEKEVAALCRYTPRRNIPPYFVALVPQEEELDDQKIQVTPPGFQLVF
LPFADDKRKMPFTEKIMATPEQVGKMKAIVEKLRFTYRSDSFENPVLQQHFRNLEALALDLMEPEQAVDLTLPKVEAMNK
RLGSLVDEFKELV
;
A
2 'polypeptide(L)'
;GNKAAVVLCMDVGFTMSNSIPGIESPFEQAKKVITMFVQRQVFAENKDEIALVLFGTDGTDNPLSGGDQYQNITVHRHLM
LPDFDLLEDIESKIQPGSQQADFLDALIVSMDVIQHETIGKKFEKRHIEIFTDLSSRFSKSQLDIIIHSLKKCDISLQFF
LPFSLGKEDGSGDRGDGPFRLGGHGPSFPLKGITEQQKEGLEIVKMVMISLEGEDGLDEIYSFSESLRKLCVFKKIERHS
IHWPCRLTIGSNLSIRIAAYKSILQERVKKTWTVVDAKTLKKEDIQKETVYCLNDDDETEVLKEDIIQGFRYGSDIVPFS
KVDEEQMKYKSEGKCFSVLGFCKSSQVQRRFFMGNQVLKVFAARDDEAAAVALSSLIHALDDLDMVAIVRYAYDKRANPQ
VGVAFPHIKHNYECLVYVQLPFMEDLRQYMFSSLKNSKKYAPTEAQLNAVDALIDSMSLAKKDEKTDTLEDLFPTTKIPN
PRFQRLFQCLLHRALHPREPLPPIQQHIWNMLNPPAEVTTKSQIPLSKIKTL
;
B
3 'polypeptide(L)'
;AIYLVEPRMGRSRRAFLTGLARSKGFRVLDACSSEATHVVMEETSAEEAVSWQERRMAAAPPGCTPPALLDISWLTESLG
AGQPVPVECRHRL
;
C
4 'polydeoxyribonucleotide' (DG)(DG)(DT)(DG)(DC)(DA)(DG)(DC)(DA)(DC)(DA)(DG)(DT)(DG) D
5 'polydeoxyribonucleotide' (DG)(DC)(DA)(DC)(DT)(DG)(DT)(DG)(DC)(DT)(DG)(DC)(DA)(DC) E
#
loop_
_chem_comp.id
_chem_comp.type
_chem_comp.name
_chem_comp.formula
DA DNA linking 2'-DEOXYADENOSINE-5'-MONOPHOSPHATE 'C10 H14 N5 O6 P'
DC DNA linking 2'-DEOXYCYTIDINE-5'-MONOPHOSPHATE 'C9 H14 N3 O7 P'
DG DNA linking 2'-DEOXYGUANOSINE-5'-MONOPHOSPHATE 'C10 H14 N5 O7 P'
DT DNA linking THYMIDINE-5'-MONOPHOSPHATE 'C10 H15 N2 O8 P'
#
# COMPACT_ATOMS: atom_id res chain seq x y z
N SER A 1 -10.18 -26.64 11.60
CA SER A 1 -11.60 -26.95 11.48
C SER A 1 -11.97 -27.25 10.03
N LEU A 2 -11.46 -28.36 9.50
CA LEU A 2 -11.75 -28.75 8.13
C LEU A 2 -11.42 -30.24 7.96
N ILE A 3 -12.42 -31.02 7.57
CA ILE A 3 -12.26 -32.47 7.41
C ILE A 3 -12.54 -32.82 5.96
N PHE A 4 -11.72 -33.70 5.41
CA PHE A 4 -11.87 -34.20 4.04
C PHE A 4 -12.35 -35.64 4.10
N LEU A 5 -13.34 -35.97 3.26
CA LEU A 5 -13.91 -37.29 3.19
C LEU A 5 -13.80 -37.80 1.77
N VAL A 6 -13.27 -39.01 1.60
CA VAL A 6 -13.04 -39.57 0.28
C VAL A 6 -13.54 -41.01 0.23
N ASP A 7 -14.22 -41.36 -0.85
CA ASP A 7 -14.64 -42.72 -1.08
C ASP A 7 -13.50 -43.56 -1.66
N ALA A 8 -13.49 -44.84 -1.30
CA ALA A 8 -12.49 -45.79 -1.77
C ALA A 8 -13.09 -46.84 -2.70
N SER A 9 -14.22 -46.54 -3.33
CA SER A 9 -14.86 -47.49 -4.23
C SER A 9 -13.98 -47.75 -5.44
N LYS A 10 -14.27 -48.86 -6.12
CA LYS A 10 -13.50 -49.23 -7.31
C LYS A 10 -13.60 -48.16 -8.39
N ALA A 11 -14.75 -47.46 -8.46
CA ALA A 11 -14.89 -46.40 -9.45
C ALA A 11 -13.86 -45.30 -9.27
N MET A 12 -13.44 -45.05 -8.03
CA MET A 12 -12.41 -44.04 -7.77
C MET A 12 -11.07 -44.44 -8.36
N PHE A 13 -10.88 -45.72 -8.67
CA PHE A 13 -9.66 -46.20 -9.32
C PHE A 13 -9.82 -46.35 -10.82
N GLU A 14 -10.96 -45.93 -11.37
CA GLU A 14 -11.25 -46.09 -12.80
C GLU A 14 -11.19 -44.72 -13.46
N SER A 15 -10.10 -44.49 -14.21
CA SER A 15 -10.00 -43.28 -15.01
C SER A 15 -10.88 -43.41 -16.25
N GLN A 16 -11.51 -42.31 -16.65
CA GLN A 16 -12.39 -42.34 -17.81
C GLN A 16 -11.62 -42.66 -19.08
N SER A 17 -10.44 -42.07 -19.25
CA SER A 17 -9.63 -42.30 -20.44
C SER A 17 -8.16 -42.33 -20.03
N GLU A 18 -7.28 -42.27 -21.02
CA GLU A 18 -5.85 -42.43 -20.77
C GLU A 18 -5.22 -41.14 -20.26
N ASP A 19 -5.38 -40.04 -21.00
CA ASP A 19 -4.81 -38.77 -20.56
C ASP A 19 -5.44 -38.25 -19.28
N GLU A 20 -6.65 -38.70 -18.96
CA GLU A 20 -7.26 -38.38 -17.68
C GLU A 20 -6.69 -39.27 -16.59
N LEU A 21 -7.00 -38.91 -15.35
CA LEU A 21 -6.56 -39.68 -14.18
C LEU A 21 -7.78 -40.14 -13.39
N THR A 22 -7.54 -41.10 -12.49
CA THR A 22 -8.60 -41.57 -11.62
C THR A 22 -9.01 -40.45 -10.66
N PRO A 23 -10.27 -40.44 -10.22
CA PRO A 23 -10.68 -39.42 -9.25
C PRO A 23 -9.85 -39.43 -7.99
N PHE A 24 -9.36 -40.61 -7.58
CA PHE A 24 -8.46 -40.70 -6.44
C PHE A 24 -7.22 -39.85 -6.66
N ASP A 25 -6.69 -39.84 -7.89
CA ASP A 25 -5.48 -39.08 -8.17
C ASP A 25 -5.73 -37.58 -7.99
N MET A 26 -6.81 -37.06 -8.58
CA MET A 26 -7.10 -35.64 -8.43
C MET A 26 -7.36 -35.29 -6.97
N SER A 27 -8.08 -36.15 -6.25
CA SER A 27 -8.36 -35.85 -4.85
C SER A 27 -7.07 -35.79 -4.04
N ILE A 28 -6.17 -36.75 -4.25
CA ILE A 28 -4.92 -36.79 -3.50
C ILE A 28 -4.08 -35.55 -3.80
N GLN A 29 -3.94 -35.21 -5.08
CA GLN A 29 -3.13 -34.05 -5.44
C GLN A 29 -3.77 -32.77 -4.92
N CYS A 30 -5.10 -32.67 -4.99
CA CYS A 30 -5.80 -31.51 -4.45
C CYS A 30 -5.52 -31.35 -2.96
N ILE A 31 -5.63 -32.44 -2.21
CA ILE A 31 -5.41 -32.35 -0.76
C ILE A 31 -3.97 -31.95 -0.46
N GLN A 32 -3.01 -32.54 -1.19
CA GLN A 32 -1.61 -32.20 -0.96
C GLN A 32 -1.34 -30.73 -1.22
N SER A 33 -1.82 -30.21 -2.35
CA SER A 33 -1.56 -28.82 -2.70
C SER A 33 -2.30 -27.87 -1.76
N VAL A 34 -3.49 -28.26 -1.30
CA VAL A 34 -4.19 -27.45 -0.31
C VAL A 34 -3.39 -27.39 0.99
N TYR A 35 -2.84 -28.53 1.42
CA TYR A 35 -1.99 -28.52 2.59
C TYR A 35 -0.79 -27.59 2.40
N ILE A 36 -0.17 -27.65 1.21
CA ILE A 36 0.99 -26.80 0.94
C ILE A 36 0.60 -25.33 1.02
N SER A 37 -0.51 -24.95 0.38
CA SER A 37 -0.94 -23.57 0.38
C SER A 37 -1.28 -23.10 1.79
N LYS A 38 -1.91 -23.96 2.59
CA LYS A 38 -2.21 -23.62 3.97
C LYS A 38 -0.92 -23.39 4.76
N ILE A 39 0.09 -24.22 4.53
CA ILE A 39 1.38 -23.99 5.19
C ILE A 39 1.96 -22.64 4.77
N ILE A 40 1.82 -22.30 3.50
CA ILE A 40 2.29 -21.00 3.03
C ILE A 40 1.57 -19.88 3.77
N SER A 41 0.26 -20.01 3.97
CA SER A 41 -0.53 -18.94 4.56
C SER A 41 -0.41 -18.91 6.08
N SER A 42 -0.91 -19.95 6.76
CA SER A 42 -0.95 -19.99 8.21
C SER A 42 -1.45 -21.35 8.67
N ASP A 43 -1.16 -21.66 9.94
CA ASP A 43 -1.54 -22.96 10.50
C ASP A 43 -3.01 -23.01 10.92
N ARG A 44 -3.73 -21.91 10.78
CA ARG A 44 -5.13 -21.80 11.16
C ARG A 44 -5.97 -22.92 10.54
N ASP A 45 -7.07 -23.29 11.21
CA ASP A 45 -8.05 -24.21 10.66
C ASP A 45 -7.44 -25.57 10.33
N LEU A 46 -7.08 -26.33 11.37
CA LEU A 46 -6.45 -27.63 11.23
C LEU A 46 -7.24 -28.52 10.28
N LEU A 47 -6.56 -29.52 9.72
CA LEU A 47 -7.12 -30.34 8.66
C LEU A 47 -7.09 -31.81 9.06
N ALA A 48 -8.11 -32.55 8.60
CA ALA A 48 -8.18 -33.99 8.78
C ALA A 48 -8.54 -34.64 7.45
N VAL A 49 -8.19 -35.90 7.30
CA VAL A 49 -8.51 -36.68 6.11
C VAL A 49 -8.99 -38.06 6.52
N VAL A 50 -10.09 -38.52 5.92
CA VAL A 50 -10.67 -39.81 6.24
C VAL A 50 -11.33 -40.41 4.99
N PHE A 51 -11.28 -41.73 4.90
CA PHE A 51 -11.78 -42.47 3.76
C PHE A 51 -12.86 -43.45 4.20
N TYR A 52 -13.91 -43.54 3.39
CA TYR A 52 -14.96 -44.53 3.57
C TYR A 52 -15.00 -45.46 2.36
N GLY A 53 -15.51 -46.67 2.58
CA GLY A 53 -15.49 -47.70 1.57
C GLY A 53 -14.23 -48.53 1.53
N THR A 54 -13.30 -48.30 2.46
CA THR A 54 -12.11 -49.15 2.55
C THR A 54 -12.46 -50.48 3.21
N GLU A 55 -11.72 -51.52 2.81
CA GLU A 55 -11.95 -52.85 3.39
C GLU A 55 -11.62 -52.89 4.87
N LYS A 56 -10.83 -51.92 5.35
CA LYS A 56 -10.44 -51.86 6.75
C LYS A 56 -11.13 -50.67 7.41
N ASP A 57 -10.88 -50.48 8.70
CA ASP A 57 -11.39 -49.32 9.41
C ASP A 57 -10.49 -49.04 10.61
N LYS A 58 -10.31 -47.75 10.91
CA LYS A 58 -9.48 -47.33 12.03
C LYS A 58 -10.17 -46.27 12.88
N ASN A 59 -11.45 -45.99 12.64
CA ASN A 59 -12.17 -45.04 13.46
C ASN A 59 -12.32 -45.54 14.89
N SER A 60 -12.41 -44.60 15.83
CA SER A 60 -12.42 -44.96 17.25
C SER A 60 -13.63 -45.82 17.60
N VAL A 61 -14.80 -45.47 17.06
CA VAL A 61 -16.01 -46.27 17.33
C VAL A 61 -16.02 -47.58 16.56
N ASN A 62 -15.01 -47.82 15.71
CA ASN A 62 -14.83 -49.08 15.01
C ASN A 62 -16.01 -49.40 14.10
N PHE A 63 -16.65 -48.38 13.53
CA PHE A 63 -17.64 -48.61 12.51
C PHE A 63 -16.96 -49.19 11.27
N LYS A 64 -17.52 -50.27 10.74
CA LYS A 64 -16.85 -51.03 9.69
C LYS A 64 -16.75 -50.22 8.40
N ASN A 65 -15.58 -50.30 7.76
CA ASN A 65 -15.28 -49.67 6.48
C ASN A 65 -15.12 -48.16 6.56
N ILE A 66 -14.72 -47.63 7.73
CA ILE A 66 -14.34 -46.23 7.87
C ILE A 66 -12.95 -46.20 8.46
N TYR A 67 -11.95 -45.95 7.62
CA TYR A 67 -10.56 -45.90 8.06
C TYR A 67 -10.14 -44.44 8.16
N VAL A 68 -9.83 -43.99 9.39
CA VAL A 68 -9.32 -42.65 9.59
C VAL A 68 -7.86 -42.59 9.14
N LEU A 69 -7.54 -41.58 8.35
CA LEU A 69 -6.18 -41.40 7.85
C LEU A 69 -5.38 -40.40 8.66
N GLN A 70 -5.91 -39.19 8.88
CA GLN A 70 -5.24 -38.21 9.71
C GLN A 70 -6.28 -37.40 10.46
N GLU A 71 -6.04 -37.20 11.75
CA GLU A 71 -6.93 -36.43 12.60
C GLU A 71 -6.83 -34.94 12.28
N LEU A 72 -7.74 -34.16 12.86
CA LEU A 72 -7.71 -32.72 12.71
C LEU A 72 -6.48 -32.14 13.39
N ASP A 73 -5.46 -31.79 12.61
CA ASP A 73 -4.18 -31.41 13.16
C ASP A 73 -3.55 -30.33 12.28
N ASN A 74 -2.47 -29.74 12.78
CA ASN A 74 -1.67 -28.85 11.97
C ASN A 74 -1.06 -29.62 10.80
N PRO A 75 -0.82 -28.97 9.67
CA PRO A 75 -0.22 -29.67 8.54
C PRO A 75 1.25 -30.01 8.80
N GLY A 76 1.53 -31.28 9.05
CA GLY A 76 2.88 -31.73 9.36
C GLY A 76 3.56 -32.32 8.14
N ALA A 77 4.87 -32.11 8.05
CA ALA A 77 5.63 -32.58 6.91
C ALA A 77 5.53 -34.09 6.76
N LYS A 78 5.58 -34.81 7.88
CA LYS A 78 5.41 -36.26 7.83
C LYS A 78 4.05 -36.62 7.26
N ARG A 79 3.00 -35.89 7.67
CA ARG A 79 1.67 -36.12 7.12
C ARG A 79 1.65 -35.84 5.62
N ILE A 80 2.33 -34.78 5.18
CA ILE A 80 2.34 -34.43 3.77
C ILE A 80 2.99 -35.52 2.96
N LEU A 81 4.13 -36.05 3.43
CA LEU A 81 4.79 -37.12 2.69
C LEU A 81 3.98 -38.40 2.72
N GLU A 82 3.34 -38.69 3.86
CA GLU A 82 2.45 -39.85 3.94
C GLU A 82 1.34 -39.76 2.92
N LEU A 83 0.78 -38.56 2.73
CA LEU A 83 -0.24 -38.36 1.72
C LEU A 83 0.35 -38.44 0.31
N ASP A 84 1.56 -37.91 0.14
CA ASP A 84 2.18 -37.86 -1.19
C ASP A 84 2.54 -39.24 -1.68
N GLN A 85 2.82 -40.19 -0.78
CA GLN A 85 3.12 -41.54 -1.21
C GLN A 85 1.95 -42.17 -1.96
N PHE A 86 0.73 -41.66 -1.76
CA PHE A 86 -0.42 -42.15 -2.49
C PHE A 86 -0.45 -41.62 -3.93
N LYS A 87 0.20 -40.49 -4.19
CA LYS A 87 0.22 -39.92 -5.52
C LYS A 87 0.85 -40.90 -6.51
N GLY A 88 0.21 -41.08 -7.65
CA GLY A 88 0.63 -42.07 -8.62
C GLY A 88 -0.05 -43.41 -8.40
N GLN A 89 -0.02 -44.23 -9.45
CA GLN A 89 -0.66 -45.54 -9.38
C GLN A 89 0.04 -46.45 -8.38
N GLN A 90 1.35 -46.26 -8.16
CA GLN A 90 2.03 -47.00 -7.11
C GLN A 90 1.38 -46.74 -5.76
N GLY A 91 0.98 -45.49 -5.51
CA GLY A 91 0.32 -45.18 -4.26
C GLY A 91 -0.99 -45.92 -4.10
N GLN A 92 -1.80 -45.99 -5.16
CA GLN A 92 -3.07 -46.70 -5.06
C GLN A 92 -2.84 -48.20 -4.89
N LYS A 93 -1.85 -48.77 -5.58
CA LYS A 93 -1.56 -50.18 -5.41
C LYS A 93 -1.14 -50.47 -3.97
N ARG A 94 -0.29 -49.63 -3.40
CA ARG A 94 0.11 -49.81 -2.00
C ARG A 94 -1.09 -49.65 -1.08
N PHE A 95 -1.93 -48.64 -1.33
CA PHE A 95 -3.07 -48.37 -0.47
C PHE A 95 -4.02 -49.57 -0.43
N GLN A 96 -4.28 -50.17 -1.58
CA GLN A 96 -5.21 -51.29 -1.63
C GLN A 96 -4.68 -52.53 -0.91
N ASP A 97 -3.41 -52.55 -0.52
CA ASP A 97 -2.81 -53.73 0.08
C ASP A 97 -2.95 -53.81 1.60
N MET A 98 -3.29 -52.72 2.28
CA MET A 98 -3.46 -52.83 3.72
C MET A 98 -4.76 -52.20 4.23
N MET A 99 -5.33 -51.23 3.49
CA MET A 99 -6.68 -50.77 3.78
C MET A 99 -7.74 -51.33 2.84
N GLY A 100 -7.35 -51.87 1.69
CA GLY A 100 -8.37 -52.39 0.80
C GLY A 100 -9.17 -51.28 0.15
N HIS A 101 -10.30 -51.66 -0.44
CA HIS A 101 -11.11 -50.74 -1.23
C HIS A 101 -12.41 -51.44 -1.62
N GLY A 102 -13.31 -50.68 -2.23
CA GLY A 102 -14.49 -51.24 -2.85
C GLY A 102 -15.42 -52.00 -1.92
N SER A 103 -15.57 -51.55 -0.69
CA SER A 103 -16.45 -52.19 0.27
C SER A 103 -17.70 -51.34 0.51
N ASP A 104 -18.75 -52.01 0.96
CA ASP A 104 -19.99 -51.33 1.28
C ASP A 104 -19.80 -50.44 2.51
N TYR A 105 -20.78 -49.56 2.74
CA TYR A 105 -20.72 -48.63 3.87
C TYR A 105 -22.09 -48.00 4.04
N SER A 106 -22.32 -47.49 5.24
CA SER A 106 -23.47 -46.64 5.52
C SER A 106 -22.94 -45.25 5.83
N LEU A 107 -23.37 -44.28 5.02
CA LEU A 107 -22.86 -42.92 5.18
C LEU A 107 -23.33 -42.28 6.48
N SER A 108 -24.39 -42.81 7.09
CA SER A 108 -24.82 -42.29 8.38
C SER A 108 -23.74 -42.46 9.43
N GLU A 109 -23.14 -43.65 9.49
CA GLU A 109 -22.06 -43.87 10.46
C GLU A 109 -20.79 -43.14 10.06
N VAL A 110 -20.57 -42.94 8.76
CA VAL A 110 -19.44 -42.12 8.32
C VAL A 110 -19.59 -40.70 8.84
N LEU A 111 -20.79 -40.13 8.72
CA LEU A 111 -21.00 -38.79 9.23
C LEU A 111 -21.00 -38.79 10.76
N TRP A 112 -21.37 -39.91 11.37
CA TRP A 112 -21.23 -40.06 12.82
C TRP A 112 -19.78 -39.91 13.24
N VAL A 113 -18.87 -40.60 12.56
CA VAL A 113 -17.46 -40.50 12.93
C VAL A 113 -16.92 -39.12 12.58
N CYS A 114 -17.48 -38.48 11.53
CA CYS A 114 -17.10 -37.10 11.25
C CYS A 114 -17.49 -36.19 12.41
N ALA A 115 -18.69 -36.38 12.96
CA ALA A 115 -19.12 -35.61 14.11
C ALA A 115 -18.23 -35.89 15.31
N ASN A 116 -17.82 -37.15 15.48
CA ASN A 116 -16.87 -37.47 16.55
C ASN A 116 -15.55 -36.73 16.36
N LEU A 117 -15.06 -36.68 15.12
CA LEU A 117 -13.83 -35.93 14.85
C LEU A 117 -13.99 -34.46 15.17
N PHE A 118 -15.15 -33.88 14.81
CA PHE A 118 -15.39 -32.48 15.15
C PHE A 118 -15.43 -32.27 16.66
N SER A 119 -16.07 -33.19 17.39
CA SER A 119 -16.13 -33.08 18.83
C SER A 119 -14.77 -33.31 19.49
N ASP A 120 -13.84 -33.94 18.78
CA ASP A 120 -12.47 -34.06 19.29
C ASP A 120 -11.80 -32.70 19.44
N VAL A 121 -12.28 -31.68 18.74
CA VAL A 121 -11.69 -30.35 18.82
C VAL A 121 -11.98 -29.75 20.19
N GLN A 122 -10.93 -29.24 20.84
CA GLN A 122 -11.05 -28.59 22.14
C GLN A 122 -10.43 -27.20 22.10
N PHE A 123 -10.40 -26.58 20.93
CA PHE A 123 -9.74 -25.29 20.75
C PHE A 123 -10.69 -24.28 20.11
N LYS A 124 -10.15 -23.13 19.71
CA LYS A 124 -10.94 -22.10 19.07
C LYS A 124 -11.47 -22.59 17.73
N MET A 125 -12.78 -22.85 17.66
CA MET A 125 -13.40 -23.39 16.46
C MET A 125 -14.01 -22.24 15.67
N SER A 126 -13.59 -22.11 14.40
CA SER A 126 -14.08 -21.03 13.56
C SER A 126 -15.24 -21.48 12.66
N HIS A 127 -15.02 -22.51 11.85
CA HIS A 127 -16.03 -22.99 10.92
C HIS A 127 -15.86 -24.49 10.74
N LYS A 128 -16.76 -25.28 11.31
CA LYS A 128 -16.74 -26.72 11.15
C LYS A 128 -17.19 -27.04 9.72
N ARG A 129 -16.33 -27.69 8.95
CA ARG A 129 -16.60 -27.93 7.53
C ARG A 129 -16.19 -29.33 7.13
N ILE A 130 -17.07 -29.99 6.38
CA ILE A 130 -16.81 -31.29 5.76
C ILE A 130 -16.70 -31.09 4.26
N MET A 131 -15.70 -31.74 3.66
CA MET A 131 -15.38 -31.57 2.25
C MET A 131 -15.37 -32.96 1.63
N LEU A 132 -16.43 -33.29 0.89
CA LEU A 132 -16.61 -34.62 0.34
C LEU A 132 -16.17 -34.68 -1.12
N PHE A 133 -15.48 -35.77 -1.46
CA PHE A 133 -14.99 -36.00 -2.82
C PHE A 133 -15.52 -37.35 -3.29
N THR A 134 -16.48 -37.33 -4.19
CA THR A 134 -17.02 -38.56 -4.77
C THR A 134 -17.70 -38.26 -6.09
N ASN A 135 -17.54 -39.17 -7.05
CA ASN A 135 -18.22 -39.08 -8.33
C ASN A 135 -19.52 -39.86 -8.37
N GLU A 136 -19.89 -40.52 -7.28
CA GLU A 136 -21.08 -41.36 -7.24
C GLU A 136 -22.26 -40.54 -6.72
N ASP A 137 -23.40 -40.64 -7.41
CA ASP A 137 -24.54 -39.77 -7.15
C ASP A 137 -25.72 -40.48 -6.51
N ASN A 138 -25.60 -41.75 -6.14
CA ASN A 138 -26.69 -42.46 -5.50
C ASN A 138 -26.16 -43.63 -4.69
N PRO A 139 -25.50 -43.39 -3.55
CA PRO A 139 -24.87 -44.50 -2.84
C PRO A 139 -25.87 -45.41 -2.15
N HIS A 140 -26.91 -44.85 -1.54
CA HIS A 140 -27.92 -45.63 -0.83
C HIS A 140 -29.23 -45.73 -1.61
N GLY A 141 -29.15 -45.66 -2.94
CA GLY A 141 -30.33 -45.91 -3.76
C GLY A 141 -30.78 -47.35 -3.73
N ASN A 142 -29.89 -48.26 -3.32
CA ASN A 142 -30.27 -49.67 -3.21
C ASN A 142 -31.19 -49.92 -2.02
N ASP A 143 -31.06 -49.12 -0.95
CA ASP A 143 -31.90 -49.25 0.23
C ASP A 143 -32.21 -47.87 0.76
N SER A 144 -33.50 -47.52 0.75
CA SER A 144 -33.91 -46.19 1.20
C SER A 144 -33.67 -45.96 2.69
N ALA A 145 -33.47 -47.02 3.47
CA ALA A 145 -33.24 -46.86 4.90
C ALA A 145 -31.96 -46.09 5.17
N LYS A 146 -30.86 -46.49 4.51
CA LYS A 146 -29.61 -45.78 4.69
C LYS A 146 -29.72 -44.34 4.23
N ALA A 147 -30.41 -44.11 3.10
CA ALA A 147 -30.57 -42.76 2.59
C ALA A 147 -31.36 -41.89 3.58
N SER A 148 -32.43 -42.42 4.15
CA SER A 148 -33.22 -41.65 5.11
C SER A 148 -32.41 -41.36 6.37
N ARG A 149 -31.69 -42.35 6.88
CA ARG A 149 -30.88 -42.11 8.08
C ARG A 149 -29.79 -41.08 7.81
N ALA A 150 -29.16 -41.14 6.63
CA ALA A 150 -28.14 -40.16 6.28
C ALA A 150 -28.75 -38.77 6.15
N ARG A 151 -29.95 -38.67 5.58
CA ARG A 151 -30.62 -37.38 5.48
C ARG A 151 -30.92 -36.82 6.87
N THR A 152 -31.39 -37.67 7.78
CA THR A 152 -31.66 -37.23 9.14
C THR A 152 -30.39 -36.73 9.82
N LYS A 153 -29.29 -37.47 9.66
CA LYS A 153 -28.05 -37.08 10.33
C LYS A 153 -27.46 -35.81 9.71
N ALA A 154 -27.68 -35.62 8.41
CA ALA A 154 -27.26 -34.38 7.77
C ALA A 154 -28.09 -33.19 8.25
N GLY A 155 -29.39 -33.41 8.43
CA GLY A 155 -30.19 -32.38 9.08
C GLY A 155 -29.68 -32.09 10.47
N ASP A 156 -29.23 -33.12 11.18
CA ASP A 156 -28.65 -32.93 12.51
C ASP A 156 -27.40 -32.05 12.44
N LEU A 157 -26.51 -32.32 11.48
CA LEU A 157 -25.29 -31.50 11.40
C LEU A 157 -25.65 -30.06 11.06
N ARG A 158 -26.60 -29.87 10.15
CA ARG A 158 -26.98 -28.50 9.77
C ARG A 158 -27.63 -27.77 10.93
N ASP A 159 -28.39 -28.48 11.76
CA ASP A 159 -28.90 -27.87 12.98
C ASP A 159 -27.77 -27.47 13.91
N THR A 160 -26.75 -28.31 14.02
CA THR A 160 -25.59 -28.03 14.86
C THR A 160 -24.56 -27.13 14.17
N GLY A 161 -24.95 -26.46 13.09
CA GLY A 161 -24.08 -25.49 12.45
C GLY A 161 -22.82 -26.07 11.85
N ILE A 162 -22.96 -27.16 11.10
CA ILE A 162 -21.84 -27.81 10.42
C ILE A 162 -21.99 -27.59 8.92
N PHE A 163 -20.94 -27.09 8.30
CA PHE A 163 -20.95 -26.85 6.86
C PHE A 163 -20.59 -28.13 6.12
N LEU A 164 -21.25 -28.36 4.99
CA LEU A 164 -20.97 -29.51 4.13
C LEU A 164 -20.83 -29.03 2.70
N ASP A 165 -19.69 -29.32 2.09
CA ASP A 165 -19.44 -29.01 0.68
C ASP A 165 -19.02 -30.29 -0.02
N LEU A 166 -19.64 -30.56 -1.17
CA LEU A 166 -19.34 -31.75 -1.95
C LEU A 166 -18.88 -31.34 -3.34
N MET A 167 -17.79 -31.95 -3.80
CA MET A 167 -17.32 -31.79 -5.16
C MET A 167 -17.58 -33.09 -5.90
N HIS A 168 -18.72 -33.16 -6.60
CA HIS A 168 -19.00 -34.30 -7.43
C HIS A 168 -17.95 -34.40 -8.53
N LEU A 169 -17.29 -35.55 -8.59
CA LEU A 169 -16.21 -35.75 -9.54
C LEU A 169 -16.76 -36.23 -10.87
N LYS A 170 -15.89 -36.25 -11.88
CA LYS A 170 -16.29 -36.66 -13.22
C LYS A 170 -16.80 -38.09 -13.21
N LYS A 171 -17.95 -38.31 -13.83
CA LYS A 171 -18.58 -39.61 -13.91
C LYS A 171 -19.07 -39.84 -15.33
N PRO A 172 -18.83 -41.01 -15.91
CA PRO A 172 -19.47 -41.34 -17.19
C PRO A 172 -20.98 -41.29 -17.06
N GLY A 173 -21.64 -40.64 -18.01
CA GLY A 173 -23.06 -40.43 -17.94
C GLY A 173 -23.48 -39.21 -17.13
N GLY A 174 -22.54 -38.47 -16.58
CA GLY A 174 -22.85 -37.25 -15.85
C GLY A 174 -23.16 -37.50 -14.38
N PHE A 175 -23.35 -36.40 -13.67
CA PHE A 175 -23.67 -36.41 -12.25
C PHE A 175 -24.90 -35.55 -12.01
N ASP A 176 -25.79 -36.04 -11.14
CA ASP A 176 -26.99 -35.32 -10.75
C ASP A 176 -26.98 -35.14 -9.24
N ILE A 177 -27.01 -33.88 -8.80
CA ILE A 177 -27.04 -33.58 -7.36
C ILE A 177 -28.39 -33.96 -6.78
N SER A 178 -29.47 -33.71 -7.52
CA SER A 178 -30.81 -33.94 -7.00
C SER A 178 -31.11 -35.40 -6.74
N LEU A 179 -30.30 -36.31 -7.28
CA LEU A 179 -30.55 -37.74 -7.06
C LEU A 179 -30.47 -38.10 -5.58
N PHE A 180 -29.39 -37.72 -4.92
CA PHE A 180 -29.17 -38.13 -3.55
C PHE A 180 -28.84 -36.98 -2.61
N TYR A 181 -28.08 -36.00 -3.08
CA TYR A 181 -27.51 -34.98 -2.20
C TYR A 181 -28.24 -33.65 -2.23
N ARG A 182 -29.38 -33.57 -2.93
CA ARG A 182 -30.18 -32.36 -2.86
C ARG A 182 -30.67 -32.09 -1.44
N ASP A 183 -30.94 -33.15 -0.68
CA ASP A 183 -31.33 -33.05 0.71
C ASP A 183 -30.20 -33.38 1.67
N ILE A 184 -28.96 -33.33 1.19
CA ILE A 184 -27.78 -33.68 1.98
C ILE A 184 -26.84 -32.49 2.13
N ILE A 185 -26.50 -31.83 1.03
CA ILE A 185 -25.52 -30.76 1.06
C ILE A 185 -26.06 -29.59 1.88
N SER A 186 -25.12 -28.83 2.45
CA SER A 186 -25.48 -27.63 3.20
C SER A 186 -25.94 -26.54 2.25
N ILE A 187 -27.23 -26.49 1.95
CA ILE A 187 -27.76 -25.50 1.03
C ILE A 187 -27.54 -24.10 1.59
N ALA A 188 -27.11 -23.19 0.72
CA ALA A 188 -26.87 -21.81 1.13
C ALA A 188 -28.18 -21.13 1.51
N GLU A 189 -28.08 -19.89 1.98
CA GLU A 189 -29.22 -19.14 2.45
C GLU A 189 -29.85 -18.27 1.37
N ASP A 190 -29.34 -18.33 0.14
CA ASP A 190 -29.89 -17.54 -0.96
C ASP A 190 -29.73 -18.33 -2.25
N GLU A 191 -30.73 -18.22 -3.14
CA GLU A 191 -30.64 -18.91 -4.41
C GLU A 191 -29.50 -18.36 -5.27
N ASP A 192 -29.18 -17.07 -5.10
CA ASP A 192 -27.99 -16.52 -5.75
C ASP A 192 -26.74 -17.27 -5.30
N LEU A 193 -26.65 -17.56 -4.00
CA LEU A 193 -25.56 -18.37 -3.48
C LEU A 193 -25.76 -19.86 -3.74
N ARG A 194 -26.94 -20.27 -4.19
CA ARG A 194 -27.22 -21.67 -4.49
C ARG A 194 -26.85 -22.03 -5.92
N VAL A 195 -25.63 -21.70 -6.30
CA VAL A 195 -25.08 -22.08 -7.61
C VAL A 195 -24.37 -23.41 -7.45
N HIS A 196 -24.61 -24.33 -8.39
CA HIS A 196 -24.08 -25.68 -8.33
C HIS A 196 -22.93 -25.80 -9.32
N PHE A 197 -21.79 -26.25 -8.82
CA PHE A 197 -20.61 -26.39 -9.66
C PHE A 197 -20.78 -27.57 -10.62
N GLU A 198 -19.80 -27.74 -11.49
CA GLU A 198 -19.80 -28.82 -12.47
C GLU A 198 -18.78 -29.88 -12.07
N GLU A 199 -19.03 -31.11 -12.50
CA GLU A 199 -18.15 -32.22 -12.14
C GLU A 199 -16.76 -31.99 -12.72
N SER A 200 -15.75 -32.00 -11.86
CA SER A 200 -14.40 -31.66 -12.26
C SER A 200 -13.78 -32.81 -13.05
N SER A 201 -13.24 -32.49 -14.22
CA SER A 201 -12.51 -33.45 -15.04
C SER A 201 -11.01 -33.20 -15.03
N LYS A 202 -10.56 -32.10 -14.45
CA LYS A 202 -9.14 -31.78 -14.36
C LYS A 202 -8.75 -31.53 -12.91
N LEU A 203 -7.52 -31.06 -12.70
CA LEU A 203 -7.02 -30.79 -11.35
C LEU A 203 -7.17 -29.33 -10.96
N GLU A 204 -6.75 -28.40 -11.83
CA GLU A 204 -6.70 -26.99 -11.46
C GLU A 204 -8.09 -26.44 -11.13
N ASP A 205 -9.10 -26.84 -11.90
CA ASP A 205 -10.46 -26.40 -11.60
C ASP A 205 -10.93 -26.93 -10.25
N LEU A 206 -10.59 -28.19 -9.96
CA LEU A 206 -10.95 -28.76 -8.66
C LEU A 206 -10.27 -27.99 -7.54
N LEU A 207 -9.00 -27.64 -7.71
CA LEU A 207 -8.32 -26.84 -6.70
C LEU A 207 -8.97 -25.48 -6.52
N ARG A 208 -9.32 -24.82 -7.63
CA ARG A 208 -9.95 -23.52 -7.52
C ARG A 208 -11.26 -23.61 -6.74
N LYS A 209 -12.10 -24.59 -7.09
CA LYS A 209 -13.37 -24.74 -6.38
C LYS A 209 -13.17 -25.07 -4.91
N VAL A 210 -12.24 -25.98 -4.63
CA VAL A 210 -12.02 -26.44 -3.25
C VAL A 210 -11.50 -25.29 -2.40
N ARG A 211 -10.51 -24.54 -2.91
CA ARG A 211 -9.96 -23.44 -2.13
C ARG A 211 -10.94 -22.29 -2.03
N ALA A 212 -11.80 -22.11 -3.02
CA ALA A 212 -12.86 -21.11 -2.91
C ALA A 212 -13.81 -21.46 -1.77
N LYS A 213 -14.24 -22.72 -1.72
CA LYS A 213 -15.11 -23.15 -0.62
C LYS A 213 -14.39 -23.08 0.71
N GLU A 214 -13.07 -23.30 0.71
CA GLU A 214 -12.30 -23.30 1.95
C GLU A 214 -12.13 -21.90 2.51
N THR A 215 -11.82 -20.93 1.66
CA THR A 215 -11.49 -19.59 2.11
C THR A 215 -12.67 -18.91 2.79
N ARG A 216 -12.60 -18.77 4.10
CA ARG A 216 -13.61 -18.03 4.84
C ARG A 216 -13.54 -16.54 4.47
N LYS A 217 -14.71 -15.91 4.35
CA LYS A 217 -14.76 -14.50 3.99
C LYS A 217 -14.15 -13.67 5.12
N ARG A 218 -12.93 -13.18 4.91
CA ARG A 218 -12.21 -12.41 5.91
C ARG A 218 -12.16 -10.95 5.46
N ALA A 219 -13.05 -10.13 6.02
CA ALA A 219 -13.04 -8.71 5.72
C ALA A 219 -11.87 -8.03 6.40
N LEU A 220 -11.14 -7.22 5.63
CA LEU A 220 -10.02 -6.47 6.20
C LEU A 220 -10.51 -5.47 7.25
N SER A 221 -11.56 -4.73 6.95
CA SER A 221 -12.08 -3.74 7.87
C SER A 221 -13.54 -3.45 7.53
N ARG A 222 -14.24 -2.86 8.49
CA ARG A 222 -15.61 -2.38 8.31
C ARG A 222 -15.58 -0.86 8.41
N LEU A 223 -15.86 -0.19 7.30
CA LEU A 223 -15.79 1.27 7.25
C LEU A 223 -17.12 1.85 6.82
N LYS A 224 -17.46 2.99 7.40
CA LYS A 224 -18.68 3.69 6.99
C LYS A 224 -18.42 4.50 5.73
N LEU A 225 -19.35 4.39 4.78
CA LEU A 225 -19.33 5.17 3.55
C LEU A 225 -20.39 6.24 3.64
N LYS A 226 -19.96 7.50 3.57
CA LYS A 226 -20.86 8.63 3.72
C LYS A 226 -21.21 9.16 2.34
N LEU A 227 -22.42 8.84 1.87
CA LEU A 227 -22.92 9.50 0.67
C LEU A 227 -23.03 11.01 0.89
N ASN A 228 -23.52 11.40 2.06
CA ASN A 228 -23.49 12.78 2.53
C ASN A 228 -23.39 12.73 4.04
N LYS A 229 -23.68 13.86 4.70
CA LYS A 229 -23.55 13.92 6.14
C LYS A 229 -24.51 12.96 6.83
N ASP A 230 -25.74 12.83 6.33
CA ASP A 230 -26.75 12.01 6.96
C ASP A 230 -26.71 10.55 6.47
N ILE A 231 -26.88 10.35 5.17
CA ILE A 231 -26.95 9.02 4.60
C ILE A 231 -25.59 8.36 4.68
N VAL A 232 -25.48 7.31 5.50
CA VAL A 232 -24.23 6.59 5.70
C VAL A 232 -24.52 5.10 5.69
N ILE A 233 -23.76 4.35 4.91
CA ILE A 233 -23.87 2.89 4.89
C ILE A 233 -22.59 2.30 5.47
N SER A 234 -22.53 0.98 5.59
CA SER A 234 -21.35 0.29 6.07
C SER A 234 -20.87 -0.69 5.01
N VAL A 235 -19.56 -0.69 4.76
CA VAL A 235 -18.98 -1.53 3.74
C VAL A 235 -17.79 -2.28 4.32
N GLY A 236 -17.71 -3.57 3.97
CA GLY A 236 -16.53 -4.36 4.26
C GLY A 236 -15.51 -4.18 3.16
N ILE A 237 -14.27 -3.89 3.56
CA ILE A 237 -13.13 -3.82 2.66
C ILE A 237 -12.51 -5.21 2.58
N TYR A 238 -12.10 -5.60 1.39
CA TYR A 238 -11.47 -6.89 1.17
C TYR A 238 -10.19 -6.71 0.37
N ASN A 239 -9.24 -7.61 0.60
CA ASN A 239 -7.91 -7.56 0.02
C ASN A 239 -7.72 -8.81 -0.85
N LEU A 240 -8.17 -8.70 -2.10
CA LEU A 240 -8.19 -9.87 -2.98
C LEU A 240 -6.79 -10.41 -3.22
N VAL A 241 -5.84 -9.54 -3.55
CA VAL A 241 -4.50 -9.96 -3.89
C VAL A 241 -3.51 -9.10 -3.13
N GLN A 242 -2.55 -9.74 -2.45
CA GLN A 242 -1.58 -9.03 -1.65
C GLN A 242 -0.23 -9.71 -1.74
N LYS A 243 0.82 -8.94 -1.44
CA LYS A 243 2.18 -9.44 -1.49
C LYS A 243 2.37 -10.60 -0.54
N ALA A 244 2.64 -11.78 -1.08
CA ALA A 244 3.00 -12.95 -0.28
C ALA A 244 4.50 -12.88 0.03
N LEU A 245 4.84 -12.99 1.30
CA LEU A 245 6.21 -12.83 1.76
C LEU A 245 6.68 -14.09 2.45
N LYS A 246 7.99 -14.28 2.46
CA LYS A 246 8.57 -15.40 3.19
C LYS A 246 8.28 -15.23 4.68
N PRO A 247 8.02 -16.33 5.39
CA PRO A 247 7.77 -16.22 6.82
C PRO A 247 8.96 -15.62 7.53
N PRO A 248 8.73 -14.82 8.57
CA PRO A 248 9.85 -14.22 9.29
C PRO A 248 10.62 -15.28 10.05
N PRO A 249 11.92 -15.08 10.26
CA PRO A 249 12.68 -16.03 11.08
C PRO A 249 12.21 -16.00 12.52
N ILE A 250 12.34 -17.15 13.19
CA ILE A 250 11.90 -17.32 14.56
C ILE A 250 13.11 -17.64 15.41
N LYS A 251 13.33 -16.85 16.46
CA LYS A 251 14.42 -17.11 17.38
C LYS A 251 14.12 -18.34 18.22
N LEU A 252 15.10 -19.25 18.30
CA LEU A 252 14.92 -20.52 19.00
C LEU A 252 16.13 -20.79 19.87
N TYR A 253 16.05 -21.86 20.64
CA TYR A 253 17.17 -22.30 21.47
C TYR A 253 18.16 -23.10 20.63
N ARG A 254 19.44 -22.97 20.98
CA ARG A 254 20.49 -23.64 20.23
C ARG A 254 20.37 -25.16 20.34
N GLU A 255 20.06 -25.67 21.54
CA GLU A 255 20.05 -27.11 21.77
C GLU A 255 18.67 -27.71 21.59
N THR A 256 17.70 -27.27 22.40
CA THR A 256 16.37 -27.86 22.41
C THR A 256 15.43 -27.20 21.41
N ASN A 257 15.88 -26.17 20.71
CA ASN A 257 15.10 -25.47 19.69
C ASN A 257 13.81 -24.87 20.25
N GLU A 258 13.72 -24.71 21.56
CA GLU A 258 12.56 -24.06 22.14
C GLU A 258 12.55 -22.59 21.74
N PRO A 259 11.44 -22.08 21.21
CA PRO A 259 11.42 -20.68 20.76
C PRO A 259 11.74 -19.73 21.89
N VAL A 260 12.45 -18.65 21.55
CA VAL A 260 12.88 -17.64 22.52
C VAL A 260 11.85 -16.53 22.51
N LYS A 261 11.14 -16.37 23.62
CA LYS A 261 10.24 -15.24 23.80
C LYS A 261 11.04 -13.95 23.77
N THR A 262 10.88 -13.17 22.71
CA THR A 262 11.67 -11.97 22.49
C THR A 262 10.82 -10.74 22.75
N LYS A 263 11.32 -9.85 23.62
CA LYS A 263 10.63 -8.61 23.93
C LYS A 263 11.59 -7.44 23.71
N THR A 264 11.18 -6.25 24.14
CA THR A 264 12.03 -5.07 24.04
C THR A 264 11.88 -4.24 25.30
N ARG A 265 12.93 -3.48 25.60
CA ARG A 265 12.94 -2.60 26.77
C ARG A 265 13.52 -1.25 26.38
N THR A 266 12.90 -0.18 26.89
CA THR A 266 13.39 1.18 26.71
C THR A 266 13.57 1.80 28.08
N PHE A 267 14.73 2.42 28.32
CA PHE A 267 14.99 2.97 29.63
C PHE A 267 16.05 4.06 29.53
N ASN A 268 16.07 4.92 30.54
CA ASN A 268 17.08 5.95 30.66
C ASN A 268 18.43 5.33 30.99
N THR A 269 19.50 6.08 30.72
CA THR A 269 20.85 5.65 31.10
C THR A 269 21.39 6.39 32.31
N SER A 270 21.05 7.67 32.47
CA SER A 270 21.52 8.41 33.64
C SER A 270 20.83 7.94 34.91
N THR A 271 19.55 7.57 34.83
CA THR A 271 18.82 7.07 35.99
C THR A 271 18.45 5.59 35.89
N GLY A 272 18.42 5.03 34.68
CA GLY A 272 18.16 3.61 34.50
C GLY A 272 16.71 3.21 34.51
N GLY A 273 15.79 4.12 34.85
CA GLY A 273 14.39 3.75 34.93
C GLY A 273 13.81 3.49 33.55
N LEU A 274 12.92 2.49 33.47
CA LEU A 274 12.25 2.19 32.22
C LEU A 274 11.34 3.35 31.82
N LEU A 275 11.23 3.57 30.52
CA LEU A 275 10.53 4.72 29.99
C LEU A 275 9.40 4.30 29.07
N LEU A 276 8.42 5.18 28.93
CA LEU A 276 7.24 4.99 28.09
C LEU A 276 7.20 6.10 27.05
N PRO A 277 6.31 6.01 26.05
CA PRO A 277 6.15 7.16 25.14
C PRO A 277 5.80 8.45 25.86
N SER A 278 5.06 8.38 26.96
CA SER A 278 4.82 9.56 27.78
C SER A 278 6.13 10.08 28.38
N ASP A 279 6.99 9.16 28.84
CA ASP A 279 8.26 9.57 29.43
C ASP A 279 9.23 10.13 28.40
N THR A 280 8.98 9.92 27.11
CA THR A 280 9.86 10.36 26.04
C THR A 280 9.19 11.45 25.22
N LYS A 281 9.98 12.04 24.32
CA LYS A 281 9.50 13.08 23.43
C LYS A 281 10.05 12.83 22.03
N ARG A 282 9.37 13.40 21.04
CA ARG A 282 9.76 13.26 19.64
C ARG A 282 10.58 14.46 19.23
N SER A 283 11.70 14.20 18.56
CA SER A 283 12.66 15.24 18.21
C SER A 283 13.04 15.14 16.74
N GLN A 284 13.21 16.30 16.11
CA GLN A 284 13.78 16.36 14.77
C GLN A 284 14.54 17.67 14.63
N ILE A 285 15.77 17.61 14.13
CA ILE A 285 16.69 18.75 14.13
C ILE A 285 16.87 19.22 12.70
N TYR A 286 16.61 20.50 12.46
CA TYR A 286 16.90 21.15 11.19
C TYR A 286 17.94 22.22 11.44
N GLY A 287 19.04 22.15 10.69
CA GLY A 287 20.16 23.05 10.94
C GLY A 287 20.63 22.89 12.37
N SER A 288 20.82 24.02 13.04
CA SER A 288 21.19 23.98 14.46
C SER A 288 19.97 23.80 15.36
N ARG A 289 18.77 24.08 14.86
CA ARG A 289 17.59 24.18 15.72
C ARG A 289 16.87 22.84 15.79
N GLN A 290 16.65 22.36 17.01
CA GLN A 290 15.89 21.14 17.26
C GLN A 290 14.44 21.50 17.52
N ILE A 291 13.52 20.68 17.01
CA ILE A 291 12.09 20.87 17.16
C ILE A 291 11.54 19.66 17.89
N ILE A 292 10.79 19.91 18.96
CA ILE A 292 10.34 18.88 19.89
C ILE A 292 8.81 18.86 19.87
N LEU A 293 8.24 17.69 19.61
CA LEU A 293 6.81 17.49 19.64
C LEU A 293 6.47 16.26 20.49
N GLU A 294 5.34 16.34 21.17
CA GLU A 294 4.80 15.18 21.88
C GLU A 294 4.31 14.14 20.87
N LYS A 295 4.45 12.87 21.24
CA LYS A 295 3.93 11.79 20.40
C LYS A 295 2.45 11.99 20.12
N GLU A 296 1.67 12.30 21.16
CA GLU A 296 0.25 12.60 20.97
C GLU A 296 0.06 13.68 19.92
N GLU A 297 0.92 14.71 19.94
CA GLU A 297 0.84 15.76 18.93
C GLU A 297 1.12 15.22 17.54
N THR A 298 2.04 14.27 17.41
CA THR A 298 2.35 13.74 16.08
C THR A 298 1.18 12.95 15.52
N GLU A 299 0.59 12.05 16.33
CA GLU A 299 -0.57 11.36 15.74
C GLU A 299 -1.80 12.25 15.65
N GLU A 300 -1.85 13.37 16.37
CA GLU A 300 -2.95 14.31 16.17
C GLU A 300 -2.79 15.08 14.86
N LEU A 301 -1.57 15.51 14.55
CA LEU A 301 -1.35 16.22 13.29
C LEU A 301 -1.44 15.27 12.11
N LYS A 302 -1.15 13.98 12.32
CA LYS A 302 -1.35 13.01 11.24
C LYS A 302 -2.82 12.92 10.84
N ARG A 303 -3.71 12.99 11.82
CA ARG A 303 -5.14 12.84 11.55
C ARG A 303 -5.67 14.02 10.75
N PHE A 304 -6.49 13.71 9.75
CA PHE A 304 -7.23 14.71 8.99
C PHE A 304 -8.73 14.56 9.16
N ASP A 305 -9.27 13.37 8.90
CA ASP A 305 -10.69 13.09 9.04
C ASP A 305 -10.86 11.82 9.87
N ASP A 306 -12.07 11.63 10.36
CA ASP A 306 -12.40 10.41 11.08
C ASP A 306 -12.33 9.21 10.12
N PRO A 307 -12.08 8.01 10.64
CA PRO A 307 -12.02 6.84 9.76
C PRO A 307 -13.31 6.66 8.99
N GLY A 308 -13.18 6.27 7.73
CA GLY A 308 -14.31 6.08 6.85
C GLY A 308 -14.03 6.68 5.50
N LEU A 309 -15.10 6.88 4.73
CA LEU A 309 -15.00 7.42 3.38
C LEU A 309 -16.05 8.50 3.19
N MET A 310 -15.65 9.61 2.59
CA MET A 310 -16.57 10.69 2.25
C MET A 310 -16.64 10.79 0.74
N LEU A 311 -17.81 10.47 0.19
CA LEU A 311 -17.99 10.47 -1.25
C LEU A 311 -17.79 11.87 -1.82
N MET A 312 -16.99 11.97 -2.88
CA MET A 312 -16.74 13.23 -3.56
C MET A 312 -17.63 13.43 -4.78
N GLY A 313 -17.88 12.38 -5.54
CA GLY A 313 -18.76 12.51 -6.70
C GLY A 313 -18.54 11.36 -7.67
N PHE A 314 -18.89 11.62 -8.93
CA PHE A 314 -18.81 10.60 -9.97
C PHE A 314 -18.11 11.17 -11.20
N LYS A 315 -17.37 10.30 -11.89
CA LYS A 315 -16.57 10.70 -13.04
C LYS A 315 -16.55 9.57 -14.04
N PRO A 316 -16.69 9.86 -15.34
CA PRO A 316 -16.68 8.79 -16.34
C PRO A 316 -15.39 7.98 -16.32
N LEU A 317 -15.52 6.69 -16.60
CA LEU A 317 -14.39 5.77 -16.50
C LEU A 317 -13.26 6.14 -17.46
N VAL A 318 -13.58 6.82 -18.55
CA VAL A 318 -12.57 7.14 -19.56
C VAL A 318 -11.50 8.05 -18.98
N LEU A 319 -11.89 8.96 -18.08
CA LEU A 319 -10.93 9.90 -17.51
C LEU A 319 -9.89 9.20 -16.64
N LEU A 320 -10.22 8.05 -16.08
CA LEU A 320 -9.25 7.29 -15.30
C LEU A 320 -8.13 6.77 -16.20
N LYS A 321 -6.90 6.89 -15.74
CA LYS A 321 -5.73 6.51 -16.51
C LYS A 321 -5.24 5.14 -16.02
N LYS A 322 -5.21 4.17 -16.93
CA LYS A 322 -4.73 2.84 -16.58
C LYS A 322 -3.27 2.87 -16.16
N HIS A 323 -2.48 3.76 -16.75
CA HIS A 323 -1.07 3.90 -16.42
C HIS A 323 -0.83 4.76 -15.19
N HIS A 324 -1.85 4.97 -14.37
CA HIS A 324 -1.73 5.71 -13.12
C HIS A 324 -2.06 4.73 -11.99
N TYR A 325 -1.08 3.98 -11.55
CA TYR A 325 -1.24 2.96 -10.53
C TYR A 325 -0.29 3.22 -9.38
N LEU A 326 -0.78 3.07 -8.16
CA LEU A 326 0.06 3.36 -6.99
C LEU A 326 0.09 2.23 -5.96
N ARG A 327 -1.04 1.58 -5.72
CA ARG A 327 -1.16 0.62 -4.64
C ARG A 327 -2.14 -0.46 -5.07
N PRO A 328 -1.91 -1.72 -4.66
CA PRO A 328 -2.79 -2.80 -5.12
C PRO A 328 -4.26 -2.52 -4.83
N SER A 329 -5.10 -2.83 -5.81
CA SER A 329 -6.52 -2.51 -5.71
C SER A 329 -7.19 -3.37 -4.65
N LEU A 330 -8.21 -2.80 -4.02
CA LEU A 330 -8.99 -3.47 -2.98
C LEU A 330 -10.40 -3.73 -3.50
N PHE A 331 -11.24 -4.29 -2.63
CA PHE A 331 -12.62 -4.61 -2.96
C PHE A 331 -13.54 -4.03 -1.90
N VAL A 332 -14.69 -3.55 -2.32
CA VAL A 332 -15.68 -2.96 -1.42
C VAL A 332 -16.99 -3.71 -1.60
N TYR A 333 -17.54 -4.20 -0.49
CA TYR A 333 -18.81 -4.90 -0.47
C TYR A 333 -19.70 -4.29 0.60
N PRO A 334 -21.02 -4.35 0.43
CA PRO A 334 -21.92 -3.80 1.46
C PRO A 334 -21.97 -4.72 2.68
N GLU A 335 -22.50 -4.16 3.77
CA GLU A 335 -22.71 -4.94 4.99
C GLU A 335 -24.02 -4.51 5.62
N GLU A 336 -25.00 -5.40 5.63
CA GLU A 336 -26.30 -5.08 6.20
C GLU A 336 -26.29 -5.10 7.72
N SER A 337 -25.42 -5.91 8.33
CA SER A 337 -25.44 -6.09 9.78
C SER A 337 -25.19 -4.78 10.52
N LEU A 338 -24.38 -3.88 9.96
CA LEU A 338 -24.04 -2.66 10.67
C LEU A 338 -24.99 -1.50 10.34
N VAL A 339 -25.43 -1.40 9.08
CA VAL A 339 -26.27 -0.29 8.65
C VAL A 339 -27.56 -0.86 8.07
N ILE A 340 -28.69 -0.31 8.51
CA ILE A 340 -29.98 -0.79 8.05
C ILE A 340 -30.19 -0.44 6.59
N GLY A 341 -30.60 -1.42 5.79
CA GLY A 341 -30.95 -1.19 4.41
C GLY A 341 -29.82 -0.76 3.51
N SER A 342 -28.56 -1.02 3.91
CA SER A 342 -27.43 -0.57 3.11
C SER A 342 -27.32 -1.34 1.80
N SER A 343 -27.61 -2.65 1.83
CA SER A 343 -27.33 -3.51 0.69
C SER A 343 -28.17 -3.10 -0.53
N THR A 344 -29.45 -2.79 -0.32
CA THR A 344 -30.33 -2.48 -1.45
C THR A 344 -29.88 -1.20 -2.15
N LEU A 345 -29.60 -0.15 -1.39
CA LEU A 345 -29.14 1.09 -1.99
C LEU A 345 -27.79 0.90 -2.65
N PHE A 346 -26.90 0.11 -2.03
CA PHE A 346 -25.60 -0.17 -2.63
C PHE A 346 -25.78 -0.84 -3.98
N SER A 347 -26.64 -1.85 -4.06
CA SER A 347 -26.84 -2.56 -5.31
C SER A 347 -27.46 -1.66 -6.36
N ALA A 348 -28.41 -0.82 -5.95
CA ALA A 348 -29.00 0.12 -6.90
C ALA A 348 -27.95 1.06 -7.48
N LEU A 349 -27.11 1.62 -6.60
CA LEU A 349 -26.05 2.51 -7.06
C LEU A 349 -25.08 1.77 -7.98
N LEU A 350 -24.74 0.53 -7.63
CA LEU A 350 -23.86 -0.28 -8.46
C LEU A 350 -24.43 -0.47 -9.86
N ILE A 351 -25.70 -0.85 -9.93
CA ILE A 351 -26.32 -1.11 -11.22
C ILE A 351 -26.37 0.17 -12.05
N LYS A 352 -26.77 1.27 -11.43
CA LYS A 352 -26.93 2.51 -12.19
C LYS A 352 -25.57 3.04 -12.67
N CYS A 353 -24.53 2.95 -11.83
CA CYS A 353 -23.22 3.43 -12.26
C CYS A 353 -22.61 2.49 -13.29
N LEU A 354 -22.96 1.21 -13.26
CA LEU A 354 -22.61 0.34 -14.37
C LEU A 354 -23.29 0.78 -15.66
N GLU A 355 -24.57 1.15 -15.58
CA GLU A 355 -25.29 1.61 -16.76
C GLU A 355 -24.67 2.88 -17.32
N LYS A 356 -24.30 3.81 -16.46
CA LYS A 356 -23.77 5.10 -16.89
C LYS A 356 -22.27 5.09 -17.11
N GLU A 357 -21.59 3.97 -16.85
CA GLU A 357 -20.16 3.83 -17.12
C GLU A 357 -19.35 4.92 -16.42
N VAL A 358 -19.62 5.13 -15.14
CA VAL A 358 -18.96 6.14 -14.34
C VAL A 358 -18.50 5.54 -13.03
N ALA A 359 -17.28 5.87 -12.61
CA ALA A 359 -16.76 5.49 -11.31
C ALA A 359 -17.10 6.57 -10.29
N ALA A 360 -16.96 6.21 -9.02
CA ALA A 360 -17.25 7.11 -7.91
C ALA A 360 -15.93 7.54 -7.27
N LEU A 361 -15.61 8.82 -7.40
CA LEU A 361 -14.43 9.38 -6.76
C LEU A 361 -14.78 9.75 -5.32
N CYS A 362 -13.89 9.39 -4.39
CA CYS A 362 -14.22 9.51 -2.97
C CYS A 362 -12.93 9.59 -2.17
N ARG A 363 -12.94 10.41 -1.12
CA ARG A 363 -11.80 10.42 -0.21
C ARG A 363 -11.87 9.21 0.71
N TYR A 364 -10.69 8.75 1.15
CA TYR A 364 -10.60 7.51 1.90
C TYR A 364 -9.60 7.69 3.02
N THR A 365 -10.10 7.54 4.25
CA THR A 365 -9.24 7.50 5.43
C THR A 365 -9.22 6.06 5.96
N PRO A 366 -8.10 5.36 5.87
CA PRO A 366 -8.10 3.94 6.30
C PRO A 366 -8.58 3.74 7.72
N ARG A 367 -8.00 4.46 8.68
CA ARG A 367 -8.35 4.28 10.08
C ARG A 367 -7.88 5.51 10.84
N ARG A 368 -7.83 5.41 12.17
CA ARG A 368 -7.52 6.54 13.02
C ARG A 368 -6.18 7.17 12.65
N ASN A 369 -6.19 8.49 12.50
CA ASN A 369 -4.97 9.29 12.35
C ASN A 369 -4.15 8.89 11.12
N ILE A 370 -4.78 9.00 9.95
CA ILE A 370 -4.09 8.80 8.69
C ILE A 370 -4.57 9.85 7.70
N PRO A 371 -3.66 10.50 6.96
CA PRO A 371 -4.10 11.48 5.97
C PRO A 371 -4.94 10.84 4.89
N PRO A 372 -5.87 11.59 4.31
CA PRO A 372 -6.79 10.99 3.33
C PRO A 372 -6.14 10.75 1.99
N TYR A 373 -6.68 9.77 1.27
CA TYR A 373 -6.26 9.47 -0.09
C TYR A 373 -7.47 9.53 -1.00
N PHE A 374 -7.34 10.23 -2.12
CA PHE A 374 -8.40 10.21 -3.12
C PHE A 374 -8.36 8.89 -3.87
N VAL A 375 -9.51 8.21 -3.95
CA VAL A 375 -9.60 6.91 -4.57
C VAL A 375 -10.83 6.86 -5.46
N ALA A 376 -10.88 5.84 -6.31
CA ALA A 376 -11.98 5.64 -7.23
C ALA A 376 -12.57 4.25 -7.02
N LEU A 377 -13.89 4.22 -6.87
CA LEU A 377 -14.65 2.98 -6.84
C LEU A 377 -15.17 2.73 -8.25
N VAL A 378 -14.63 1.74 -8.92
CA VAL A 378 -15.09 1.32 -10.24
C VAL A 378 -16.00 0.11 -10.06
N PRO A 379 -17.20 0.12 -10.63
CA PRO A 379 -18.11 -1.01 -10.42
C PRO A 379 -17.64 -2.29 -11.09
N GLN A 380 -17.28 -3.29 -10.29
CA GLN A 380 -16.82 -4.58 -10.80
C GLN A 380 -18.00 -5.53 -10.80
N GLU A 381 -18.52 -5.82 -11.98
CA GLU A 381 -19.69 -6.67 -12.11
C GLU A 381 -19.33 -8.13 -11.90
N GLU A 382 -20.27 -8.89 -11.34
CA GLU A 382 -20.09 -10.32 -11.19
C GLU A 382 -19.89 -10.99 -12.54
N GLU A 383 -18.89 -11.87 -12.61
CA GLU A 383 -18.60 -12.62 -13.82
C GLU A 383 -18.21 -14.05 -13.44
N LEU A 384 -18.76 -15.02 -14.14
CA LEU A 384 -18.54 -16.43 -13.88
C LEU A 384 -17.79 -17.06 -15.06
N ASP A 385 -17.59 -18.37 -14.99
CA ASP A 385 -17.01 -19.13 -16.08
C ASP A 385 -17.86 -20.37 -16.37
N ASP A 386 -17.37 -21.25 -17.25
CA ASP A 386 -18.10 -22.46 -17.57
C ASP A 386 -18.22 -23.40 -16.39
N GLN A 387 -17.36 -23.25 -15.38
CA GLN A 387 -17.37 -24.10 -14.21
C GLN A 387 -18.14 -23.52 -13.04
N LYS A 388 -18.92 -22.46 -13.28
CA LYS A 388 -19.68 -21.74 -12.26
C LYS A 388 -18.79 -21.08 -11.22
N ILE A 389 -17.48 -21.09 -11.43
CA ILE A 389 -16.55 -20.43 -10.53
C ILE A 389 -16.73 -18.92 -10.61
N GLN A 390 -16.81 -18.26 -9.46
CA GLN A 390 -16.90 -16.81 -9.40
C GLN A 390 -15.51 -16.23 -9.68
N VAL A 391 -15.19 -16.14 -10.97
CA VAL A 391 -13.90 -15.60 -11.37
C VAL A 391 -13.82 -14.10 -11.13
N THR A 392 -14.96 -13.44 -10.93
CA THR A 392 -14.99 -12.00 -10.70
C THR A 392 -16.16 -11.65 -9.80
N PRO A 393 -15.91 -11.32 -8.54
CA PRO A 393 -17.00 -11.01 -7.60
C PRO A 393 -17.66 -9.69 -7.95
N PRO A 394 -18.92 -9.51 -7.55
CA PRO A 394 -19.57 -8.21 -7.73
C PRO A 394 -19.32 -7.27 -6.56
N GLY A 395 -19.11 -6.01 -6.88
CA GLY A 395 -18.86 -5.01 -5.84
C GLY A 395 -18.21 -3.79 -6.44
N PHE A 396 -17.43 -3.08 -5.63
CA PHE A 396 -16.73 -1.89 -6.09
C PHE A 396 -15.23 -2.10 -5.95
N GLN A 397 -14.54 -2.23 -7.08
CA GLN A 397 -13.08 -2.28 -7.04
C GLN A 397 -12.54 -0.93 -6.64
N LEU A 398 -11.68 -0.91 -5.63
CA LEU A 398 -11.09 0.30 -5.10
C LEU A 398 -9.70 0.48 -5.71
N VAL A 399 -9.50 1.60 -6.39
CA VAL A 399 -8.20 1.92 -6.99
C VAL A 399 -7.72 3.24 -6.40
N PHE A 400 -6.45 3.26 -6.01
CA PHE A 400 -5.87 4.46 -5.44
C PHE A 400 -5.45 5.43 -6.53
N LEU A 401 -5.52 6.72 -6.21
CA LEU A 401 -5.17 7.77 -7.14
C LEU A 401 -3.99 8.56 -6.61
N PRO A 402 -2.94 8.75 -7.40
CA PRO A 402 -1.76 9.45 -6.90
C PRO A 402 -1.94 10.97 -6.92
N PHE A 403 -1.32 11.60 -5.93
CA PHE A 403 -1.23 13.06 -5.93
C PHE A 403 -0.09 13.51 -6.84
N ALA A 404 -0.06 14.81 -7.10
CA ALA A 404 0.98 15.38 -7.95
C ALA A 404 2.37 15.15 -7.38
N ASP A 405 2.48 14.96 -6.07
CA ASP A 405 3.78 14.66 -5.46
C ASP A 405 4.28 13.29 -5.86
N ASP A 406 3.37 12.34 -6.12
CA ASP A 406 3.76 10.97 -6.42
C ASP A 406 4.20 10.78 -7.87
N LYS A 407 3.94 11.74 -8.75
CA LYS A 407 4.37 11.61 -10.13
C LYS A 407 5.85 12.02 -10.26
N ARG A 408 6.43 11.72 -11.41
CA ARG A 408 7.84 11.98 -11.65
C ARG A 408 8.01 12.55 -13.05
N LYS A 409 8.59 13.74 -13.14
CA LYS A 409 8.96 14.28 -14.43
C LYS A 409 10.05 13.44 -15.07
N MET A 410 9.94 13.22 -16.37
CA MET A 410 10.85 12.30 -17.04
C MET A 410 11.58 13.00 -18.18
N PRO A 411 12.79 12.55 -18.53
CA PRO A 411 13.52 13.18 -19.63
C PRO A 411 12.82 12.98 -20.96
N PHE A 412 12.33 14.07 -21.54
CA PHE A 412 11.60 14.03 -22.80
C PHE A 412 12.49 14.53 -23.93
N THR A 413 12.57 13.76 -25.00
CA THR A 413 13.45 14.06 -26.12
C THR A 413 12.69 13.74 -27.41
N GLU A 414 13.42 13.66 -28.52
CA GLU A 414 12.80 13.41 -29.81
C GLU A 414 12.06 12.09 -29.81
N LYS A 415 10.82 12.11 -30.33
CA LYS A 415 9.98 10.93 -30.47
C LYS A 415 9.93 10.56 -31.95
N ILE A 416 10.36 9.34 -32.26
CA ILE A 416 10.55 8.90 -33.64
C ILE A 416 9.75 7.62 -33.86
N MET A 417 9.00 7.59 -34.96
CA MET A 417 8.26 6.40 -35.37
C MET A 417 9.19 5.45 -36.13
N ALA A 418 8.62 4.35 -36.63
CA ALA A 418 9.38 3.36 -37.37
C ALA A 418 8.60 2.94 -38.61
N THR A 419 9.34 2.51 -39.62
CA THR A 419 8.73 2.22 -40.91
C THR A 419 7.72 1.10 -40.80
N PRO A 420 6.62 1.15 -41.56
CA PRO A 420 5.55 0.14 -41.38
C PRO A 420 6.00 -1.29 -41.64
N GLU A 421 7.01 -1.50 -42.48
CA GLU A 421 7.48 -2.87 -42.70
C GLU A 421 8.08 -3.47 -41.43
N GLN A 422 8.86 -2.68 -40.71
CA GLN A 422 9.37 -3.13 -39.41
C GLN A 422 8.22 -3.40 -38.45
N VAL A 423 7.16 -2.58 -38.52
CA VAL A 423 5.99 -2.81 -37.70
C VAL A 423 5.36 -4.15 -38.03
N GLY A 424 5.26 -4.47 -39.32
CA GLY A 424 4.71 -5.76 -39.71
C GLY A 424 5.56 -6.93 -39.25
N LYS A 425 6.89 -6.78 -39.34
CA LYS A 425 7.78 -7.83 -38.84
C LYS A 425 7.58 -8.04 -37.35
N MET A 426 7.50 -6.95 -36.59
CA MET A 426 7.24 -7.07 -35.16
C MET A 426 5.89 -7.69 -34.89
N LYS A 427 4.90 -7.37 -35.73
CA LYS A 427 3.57 -7.99 -35.59
C LYS A 427 3.65 -9.49 -35.77
N ALA A 428 4.39 -9.94 -36.79
CA ALA A 428 4.55 -11.38 -37.00
C ALA A 428 5.26 -12.03 -35.83
N ILE A 429 6.29 -11.35 -35.31
CA ILE A 429 7.01 -11.89 -34.14
C ILE A 429 6.06 -12.05 -32.96
N VAL A 430 5.25 -11.02 -32.70
CA VAL A 430 4.33 -11.07 -31.57
C VAL A 430 3.29 -12.15 -31.79
N GLU A 431 2.79 -12.30 -33.01
CA GLU A 431 1.85 -13.38 -33.30
C GLU A 431 2.45 -14.74 -33.02
N LYS A 432 3.71 -14.93 -33.42
CA LYS A 432 4.40 -16.17 -33.08
C LYS A 432 4.63 -16.32 -31.59
N LEU A 433 4.65 -15.22 -30.84
CA LEU A 433 4.90 -15.26 -29.40
C LEU A 433 3.65 -15.11 -28.55
N ARG A 434 2.46 -15.08 -29.16
CA ARG A 434 1.25 -14.88 -28.38
C ARG A 434 0.86 -16.15 -27.63
N PHE A 435 0.14 -15.97 -26.54
CA PHE A 435 -0.37 -17.08 -25.73
C PHE A 435 -1.39 -16.54 -24.74
N THR A 436 -2.30 -17.41 -24.32
CA THR A 436 -3.29 -17.03 -23.33
C THR A 436 -2.67 -16.91 -21.95
N TYR A 437 -3.13 -15.93 -21.18
CA TYR A 437 -2.57 -15.62 -19.87
C TYR A 437 -3.63 -15.76 -18.80
N ARG A 438 -3.23 -16.34 -17.67
CA ARG A 438 -4.06 -16.40 -16.47
C ARG A 438 -3.27 -15.86 -15.30
N SER A 439 -3.96 -15.15 -14.40
CA SER A 439 -3.28 -14.50 -13.29
C SER A 439 -2.56 -15.48 -12.38
N ASP A 440 -2.97 -16.75 -12.37
CA ASP A 440 -2.36 -17.77 -11.53
C ASP A 440 -1.37 -18.63 -12.28
N SER A 441 -1.01 -18.26 -13.51
CA SER A 441 -0.11 -19.08 -14.32
C SER A 441 1.32 -19.09 -13.79
N PHE A 442 1.66 -18.21 -12.86
CA PHE A 442 3.03 -18.09 -12.38
C PHE A 442 3.04 -18.13 -10.85
N GLU A 443 4.20 -18.48 -10.30
CA GLU A 443 4.39 -18.53 -8.87
C GLU A 443 5.80 -18.08 -8.54
N ASN A 444 5.98 -17.62 -7.30
CA ASN A 444 7.25 -17.06 -6.87
C ASN A 444 8.30 -18.16 -6.75
N PRO A 445 9.33 -18.19 -7.60
CA PRO A 445 10.37 -19.21 -7.44
C PRO A 445 11.14 -19.10 -6.14
N VAL A 446 11.31 -17.88 -5.61
CA VAL A 446 12.09 -17.70 -4.38
C VAL A 446 11.42 -18.43 -3.23
N LEU A 447 10.11 -18.21 -3.04
CA LEU A 447 9.41 -18.88 -1.96
C LEU A 447 9.32 -20.37 -2.19
N GLN A 448 9.18 -20.81 -3.44
CA GLN A 448 9.15 -22.23 -3.73
C GLN A 448 10.45 -22.90 -3.34
N GLN A 449 11.59 -22.29 -3.69
CA GLN A 449 12.87 -22.85 -3.30
C GLN A 449 13.06 -22.82 -1.79
N HIS A 450 12.61 -21.73 -1.15
CA HIS A 450 12.73 -21.62 0.30
C HIS A 450 11.96 -22.75 0.99
N PHE A 451 10.74 -23.03 0.52
CA PHE A 451 9.95 -24.08 1.14
C PHE A 451 10.46 -25.46 0.75
N ARG A 452 11.08 -25.59 -0.42
CA ARG A 452 11.75 -26.85 -0.74
C ARG A 452 12.89 -27.12 0.23
N ASN A 453 13.68 -26.08 0.54
CA ASN A 453 14.75 -26.24 1.52
C ASN A 453 14.18 -26.60 2.88
N LEU A 454 13.11 -25.94 3.30
CA LEU A 454 12.51 -26.25 4.59
C LEU A 454 11.99 -27.70 4.62
N GLU A 455 11.34 -28.13 3.54
CA GLU A 455 10.84 -29.49 3.47
C GLU A 455 11.97 -30.51 3.53
N ALA A 456 13.07 -30.24 2.82
CA ALA A 456 14.22 -31.13 2.87
C ALA A 456 14.81 -31.21 4.27
N LEU A 457 14.92 -30.05 4.93
CA LEU A 457 15.46 -30.05 6.29
C LEU A 457 14.56 -30.80 7.25
N ALA A 458 13.25 -30.59 7.15
CA ALA A 458 12.32 -31.27 8.04
C ALA A 458 12.33 -32.78 7.81
N LEU A 459 12.43 -33.19 6.55
CA LEU A 459 12.44 -34.61 6.20
C LEU A 459 13.81 -35.25 6.35
N ASP A 460 14.82 -34.48 6.77
CA ASP A 460 16.18 -34.97 6.93
C ASP A 460 16.68 -35.58 5.61
N LEU A 461 16.47 -34.83 4.53
CA LEU A 461 16.89 -35.24 3.20
C LEU A 461 17.97 -34.29 2.71
N MET A 462 19.11 -34.85 2.32
CA MET A 462 20.22 -34.09 1.75
C MET A 462 20.08 -33.91 0.25
N GLU A 463 18.85 -33.97 -0.27
CA GLU A 463 18.57 -33.91 -1.70
C GLU A 463 17.58 -32.77 -1.92
N PRO A 464 18.04 -31.53 -1.90
CA PRO A 464 17.11 -30.40 -2.03
C PRO A 464 16.37 -30.42 -3.36
N GLU A 465 15.08 -30.09 -3.30
CA GLU A 465 14.28 -29.98 -4.51
C GLU A 465 14.66 -28.73 -5.29
N GLN A 466 14.79 -28.87 -6.60
CA GLN A 466 15.13 -27.77 -7.48
C GLN A 466 13.87 -27.30 -8.19
N ALA A 467 13.56 -26.02 -8.03
CA ALA A 467 12.35 -25.47 -8.64
C ALA A 467 12.56 -25.24 -10.13
N VAL A 468 11.61 -25.71 -10.94
CA VAL A 468 11.60 -25.45 -12.37
C VAL A 468 10.95 -24.08 -12.56
N ASP A 469 11.78 -23.04 -12.55
CA ASP A 469 11.30 -21.67 -12.56
C ASP A 469 10.62 -21.37 -13.89
N LEU A 470 9.29 -21.24 -13.86
CA LEU A 470 8.55 -20.93 -15.07
C LEU A 470 8.83 -19.52 -15.57
N THR A 471 9.20 -18.62 -14.66
CA THR A 471 9.50 -17.25 -15.08
C THR A 471 10.70 -17.18 -15.99
N LEU A 472 11.52 -18.23 -16.04
CA LEU A 472 12.59 -18.30 -17.02
C LEU A 472 11.99 -18.56 -18.39
N PRO A 473 12.20 -17.68 -19.37
CA PRO A 473 11.57 -17.87 -20.68
C PRO A 473 12.09 -19.13 -21.37
N LYS A 474 11.21 -19.75 -22.16
CA LYS A 474 11.57 -20.90 -22.98
C LYS A 474 12.34 -20.37 -24.20
N VAL A 475 13.64 -20.12 -23.98
CA VAL A 475 14.45 -19.42 -24.97
C VAL A 475 14.47 -20.18 -26.28
N GLU A 476 14.98 -21.41 -26.25
CA GLU A 476 15.12 -22.19 -27.48
C GLU A 476 13.78 -22.48 -28.14
N ALA A 477 12.73 -22.66 -27.33
CA ALA A 477 11.41 -22.94 -27.89
C ALA A 477 10.92 -21.78 -28.74
N MET A 478 11.01 -20.55 -28.22
CA MET A 478 10.57 -19.40 -29.00
C MET A 478 11.56 -19.05 -30.10
N ASN A 479 12.84 -19.40 -29.94
CA ASN A 479 13.77 -19.28 -31.06
C ASN A 479 13.33 -20.16 -32.23
N LYS A 480 12.95 -21.40 -31.93
CA LYS A 480 12.45 -22.30 -32.96
C LYS A 480 11.13 -21.80 -33.54
N ARG A 481 10.28 -21.23 -32.68
CA ARG A 481 9.03 -20.64 -33.16
C ARG A 481 9.28 -19.52 -34.16
N LEU A 482 10.25 -18.65 -33.86
CA LEU A 482 10.47 -17.46 -34.67
C LEU A 482 11.27 -17.79 -35.93
N GLY A 483 12.49 -18.30 -35.76
CA GLY A 483 13.29 -18.63 -36.92
C GLY A 483 13.94 -17.39 -37.51
N SER A 484 13.71 -17.18 -38.81
CA SER A 484 14.38 -16.11 -39.55
C SER A 484 13.75 -14.74 -39.32
N LEU A 485 12.58 -14.66 -38.68
CA LEU A 485 11.94 -13.37 -38.47
C LEU A 485 12.79 -12.47 -37.59
N VAL A 486 13.39 -13.03 -36.55
CA VAL A 486 14.27 -12.23 -35.68
C VAL A 486 15.46 -11.71 -36.47
N ASP A 487 16.03 -12.55 -37.35
CA ASP A 487 17.13 -12.09 -38.17
C ASP A 487 16.70 -10.96 -39.10
N GLU A 488 15.52 -11.11 -39.71
CA GLU A 488 15.00 -10.07 -40.61
C GLU A 488 14.86 -8.75 -39.88
N PHE A 489 14.31 -8.79 -38.66
CA PHE A 489 14.22 -7.58 -37.86
C PHE A 489 15.61 -7.07 -37.49
N LYS A 490 16.58 -7.97 -37.33
CA LYS A 490 17.93 -7.57 -36.98
C LYS A 490 18.59 -6.75 -38.08
N GLU A 491 18.38 -7.13 -39.34
CA GLU A 491 19.03 -6.30 -40.36
C GLU A 491 18.46 -4.88 -40.41
N LEU A 492 17.33 -4.62 -39.75
CA LEU A 492 16.68 -3.32 -39.79
C LEU A 492 17.20 -2.37 -38.72
N VAL A 493 18.40 -2.60 -38.20
CA VAL A 493 19.00 -1.68 -37.25
C VAL A 493 20.36 -1.21 -37.76
N GLY B 1 27.00 20.78 -8.18
CA GLY B 1 26.34 21.34 -9.34
C GLY B 1 24.85 21.07 -9.37
N ASN B 2 24.41 20.09 -8.56
CA ASN B 2 23.01 19.71 -8.52
C ASN B 2 22.13 20.76 -7.83
N LYS B 3 22.73 21.77 -7.19
CA LYS B 3 21.97 22.80 -6.50
C LYS B 3 21.27 23.70 -7.52
N ALA B 4 20.55 24.70 -7.02
CA ALA B 4 19.87 25.66 -7.88
C ALA B 4 19.61 26.92 -7.08
N ALA B 5 19.60 28.05 -7.78
CA ALA B 5 19.37 29.36 -7.18
C ALA B 5 18.08 29.94 -7.71
N VAL B 6 17.24 30.46 -6.80
CA VAL B 6 15.94 30.99 -7.16
C VAL B 6 15.77 32.38 -6.55
N VAL B 7 14.94 33.20 -7.19
CA VAL B 7 14.64 34.55 -6.75
C VAL B 7 13.13 34.71 -6.66
N LEU B 8 12.67 35.34 -5.58
CA LEU B 8 11.26 35.57 -5.34
C LEU B 8 11.00 37.07 -5.35
N CYS B 9 10.08 37.50 -6.21
CA CYS B 9 9.74 38.91 -6.39
C CYS B 9 8.38 39.17 -5.77
N MET B 10 8.36 39.95 -4.69
CA MET B 10 7.15 40.27 -3.94
C MET B 10 6.74 41.72 -4.13
N ASP B 11 5.45 41.94 -4.39
CA ASP B 11 4.87 43.26 -4.44
C ASP B 11 4.34 43.65 -3.07
N VAL B 12 4.67 44.85 -2.63
CA VAL B 12 4.07 45.44 -1.44
C VAL B 12 3.44 46.77 -1.82
N GLY B 13 2.96 46.86 -3.06
CA GLY B 13 2.28 48.06 -3.50
C GLY B 13 1.02 48.33 -2.70
N PHE B 14 0.50 49.54 -2.87
CA PHE B 14 -0.72 49.92 -2.16
C PHE B 14 -1.89 49.01 -2.54
N THR B 15 -1.89 48.52 -3.78
CA THR B 15 -2.92 47.58 -4.21
C THR B 15 -2.83 46.25 -3.48
N MET B 16 -1.62 45.85 -3.06
CA MET B 16 -1.46 44.60 -2.32
C MET B 16 -2.28 44.61 -1.04
N SER B 17 -2.23 45.72 -0.28
CA SER B 17 -3.05 45.82 0.92
C SER B 17 -4.52 45.92 0.56
N ASN B 18 -4.84 46.58 -0.56
CA ASN B 18 -6.22 46.68 -1.01
C ASN B 18 -6.79 45.30 -1.29
N SER B 19 -8.01 45.07 -0.83
CA SER B 19 -8.63 43.76 -0.96
C SER B 19 -10.14 43.92 -1.04
N ILE B 20 -10.80 42.89 -1.56
CA ILE B 20 -12.25 42.85 -1.69
C ILE B 20 -12.80 42.09 -0.49
N PRO B 21 -13.89 42.56 0.13
CA PRO B 21 -14.45 41.85 1.28
C PRO B 21 -14.85 40.42 0.90
N GLY B 22 -14.59 39.50 1.82
CA GLY B 22 -14.78 38.09 1.55
C GLY B 22 -13.66 37.43 0.79
N ILE B 23 -12.63 38.19 0.42
CA ILE B 23 -11.48 37.69 -0.34
C ILE B 23 -10.21 38.17 0.33
N GLU B 24 -9.22 37.29 0.43
CA GLU B 24 -7.94 37.66 1.01
C GLU B 24 -7.20 38.63 0.08
N SER B 25 -6.36 39.47 0.69
CA SER B 25 -5.58 40.42 -0.10
C SER B 25 -4.55 39.69 -0.95
N PRO B 26 -4.20 40.24 -2.11
CA PRO B 26 -3.15 39.60 -2.94
C PRO B 26 -1.84 39.49 -2.20
N PHE B 27 -1.50 40.50 -1.39
CA PHE B 27 -0.27 40.44 -0.59
C PHE B 27 -0.27 39.21 0.30
N GLU B 28 -1.35 39.00 1.05
CA GLU B 28 -1.39 37.90 2.00
C GLU B 28 -1.47 36.55 1.28
N GLN B 29 -2.16 36.48 0.14
CA GLN B 29 -2.22 35.24 -0.60
C GLN B 29 -0.85 34.84 -1.14
N ALA B 30 -0.13 35.79 -1.74
CA ALA B 30 1.23 35.52 -2.20
C ALA B 30 2.15 35.19 -1.03
N LYS B 31 1.94 35.85 0.12
CA LYS B 31 2.72 35.53 1.30
C LYS B 31 2.50 34.09 1.72
N LYS B 32 1.24 33.64 1.74
CA LYS B 32 0.95 32.26 2.10
C LYS B 32 1.56 31.28 1.12
N VAL B 33 1.48 31.57 -0.18
CA VAL B 33 1.98 30.61 -1.15
C VAL B 33 3.50 30.52 -1.08
N ILE B 34 4.18 31.65 -0.87
CA ILE B 34 5.63 31.58 -0.71
C ILE B 34 5.99 30.91 0.60
N THR B 35 5.19 31.11 1.64
CA THR B 35 5.42 30.39 2.89
C THR B 35 5.35 28.89 2.66
N MET B 36 4.37 28.43 1.90
CA MET B 36 4.28 27.01 1.55
C MET B 36 5.53 26.56 0.78
N PHE B 37 5.94 27.36 -0.19
CA PHE B 37 7.07 26.99 -1.03
C PHE B 37 8.36 26.88 -0.21
N VAL B 38 8.63 27.90 0.61
CA VAL B 38 9.85 27.88 1.42
C VAL B 38 9.77 26.82 2.51
N GLN B 39 8.56 26.49 2.98
CA GLN B 39 8.42 25.38 3.91
C GLN B 39 8.86 24.08 3.25
N ARG B 40 8.37 23.82 2.04
CA ARG B 40 8.81 22.63 1.32
C ARG B 40 10.30 22.66 1.06
N GLN B 41 10.86 23.85 0.80
CA GLN B 41 12.29 23.96 0.56
C GLN B 41 13.10 23.60 1.81
N VAL B 42 12.78 24.21 2.93
CA VAL B 42 13.62 24.07 4.13
C VAL B 42 13.40 22.71 4.78
N PHE B 43 12.15 22.26 4.87
CA PHE B 43 11.87 21.03 5.59
C PHE B 43 12.24 19.78 4.80
N ALA B 44 12.47 19.91 3.50
CA ALA B 44 13.09 18.83 2.74
C ALA B 44 14.61 18.90 2.81
N GLU B 45 15.16 19.92 3.45
CA GLU B 45 16.61 20.10 3.62
C GLU B 45 17.30 20.12 2.26
N ASN B 46 16.69 20.79 1.29
CA ASN B 46 17.30 20.93 -0.02
C ASN B 46 18.48 21.90 0.05
N LYS B 47 19.36 21.79 -0.95
CA LYS B 47 20.55 22.63 -1.03
C LYS B 47 20.34 23.83 -1.94
N ASP B 48 19.11 24.08 -2.36
CA ASP B 48 18.82 25.22 -3.22
C ASP B 48 18.86 26.52 -2.42
N GLU B 49 19.37 27.57 -3.05
CA GLU B 49 19.51 28.87 -2.43
C GLU B 49 18.45 29.82 -2.95
N ILE B 50 18.02 30.74 -2.09
CA ILE B 50 16.88 31.61 -2.36
C ILE B 50 17.26 33.05 -2.07
N ALA B 51 16.79 33.96 -2.92
CA ALA B 51 16.89 35.40 -2.69
C ALA B 51 15.50 36.01 -2.80
N LEU B 52 15.30 37.12 -2.10
CA LEU B 52 13.98 37.75 -2.04
C LEU B 52 14.11 39.25 -2.30
N VAL B 53 13.35 39.75 -3.28
CA VAL B 53 13.33 41.16 -3.62
C VAL B 53 11.90 41.68 -3.49
N LEU B 54 11.79 42.92 -3.05
CA LEU B 54 10.52 43.58 -2.79
C LEU B 54 10.42 44.81 -3.67
N PHE B 55 9.32 44.96 -4.39
CA PHE B 55 9.06 46.19 -5.13
C PHE B 55 7.74 46.78 -4.68
N GLY B 56 7.65 48.10 -4.81
CA GLY B 56 6.60 48.85 -4.14
C GLY B 56 6.90 49.15 -2.69
N THR B 57 8.13 48.88 -2.26
CA THR B 57 8.50 49.06 -0.87
C THR B 57 8.50 50.54 -0.49
N ASP B 58 8.09 50.83 0.74
CA ASP B 58 8.17 52.20 1.24
C ASP B 58 9.62 52.68 1.27
N GLY B 59 10.54 51.83 1.71
CA GLY B 59 11.95 52.10 1.61
C GLY B 59 12.56 51.54 0.34
N THR B 60 13.89 51.53 0.31
CA THR B 60 14.61 50.99 -0.83
C THR B 60 16.00 50.57 -0.40
N ASP B 61 16.48 49.46 -0.97
CA ASP B 61 17.81 48.96 -0.68
C ASP B 61 18.23 48.01 -1.80
N ASN B 62 19.26 48.39 -2.56
CA ASN B 62 19.79 47.53 -3.61
C ASN B 62 21.11 48.08 -4.12
N PRO B 63 22.03 47.23 -4.55
CA PRO B 63 23.27 47.74 -5.16
C PRO B 63 23.03 48.51 -6.44
N LEU B 64 21.88 48.35 -7.09
CA LEU B 64 21.57 49.03 -8.33
C LEU B 64 20.86 50.35 -8.11
N SER B 65 21.09 51.00 -6.97
CA SER B 65 20.48 52.29 -6.69
C SER B 65 21.01 53.36 -7.63
N GLY B 66 20.40 54.55 -7.55
CA GLY B 66 20.83 55.67 -8.35
C GLY B 66 19.65 56.43 -8.94
N GLY B 67 19.59 57.74 -8.67
CA GLY B 67 18.45 58.53 -9.10
C GLY B 67 17.16 57.96 -8.54
N ASP B 68 16.10 58.04 -9.35
CA ASP B 68 14.87 57.33 -9.04
C ASP B 68 14.85 55.93 -9.63
N GLN B 69 15.85 55.57 -10.42
CA GLN B 69 15.93 54.24 -11.00
C GLN B 69 16.14 53.20 -9.91
N TYR B 70 15.36 52.11 -9.98
CA TYR B 70 15.48 50.99 -9.03
C TYR B 70 15.34 51.47 -7.58
N GLN B 71 14.40 52.38 -7.36
CA GLN B 71 14.05 52.84 -6.03
C GLN B 71 12.70 52.27 -5.62
N ASN B 72 12.39 52.43 -4.33
CA ASN B 72 11.24 51.77 -3.70
C ASN B 72 11.33 50.25 -3.86
N ILE B 73 12.56 49.73 -3.98
CA ILE B 73 12.81 48.31 -4.16
C ILE B 73 13.91 47.91 -3.20
N THR B 74 13.65 46.87 -2.42
CA THR B 74 14.57 46.42 -1.38
C THR B 74 14.90 44.95 -1.56
N VAL B 75 16.19 44.64 -1.56
CA VAL B 75 16.63 43.25 -1.56
C VAL B 75 16.51 42.75 -0.12
N HIS B 76 15.36 42.19 0.23
CA HIS B 76 15.10 41.88 1.63
C HIS B 76 16.06 40.81 2.15
N ARG B 77 16.32 39.80 1.33
CA ARG B 77 17.21 38.71 1.70
C ARG B 77 18.04 38.35 0.47
N HIS B 78 19.34 38.23 0.65
CA HIS B 78 20.23 37.94 -0.46
C HIS B 78 20.13 36.45 -0.81
N LEU B 79 21.00 36.00 -1.71
CA LEU B 79 20.94 34.63 -2.22
C LEU B 79 21.86 33.74 -1.40
N MET B 80 21.27 32.82 -0.63
CA MET B 80 22.01 31.83 0.14
C MET B 80 21.02 30.76 0.57
N LEU B 81 21.52 29.79 1.35
CA LEU B 81 20.69 28.70 1.82
C LEU B 81 19.59 29.22 2.75
N PRO B 82 18.44 28.57 2.76
CA PRO B 82 17.33 29.04 3.59
C PRO B 82 17.56 28.70 5.06
N ASP B 83 16.77 29.35 5.90
CA ASP B 83 16.74 29.08 7.34
C ASP B 83 15.39 29.51 7.88
N PHE B 84 15.16 29.24 9.16
CA PHE B 84 13.91 29.67 9.79
C PHE B 84 13.85 31.17 9.99
N ASP B 85 14.99 31.86 9.85
CA ASP B 85 15.01 33.31 10.00
C ASP B 85 14.16 33.98 8.92
N LEU B 86 14.38 33.61 7.66
CA LEU B 86 13.55 34.17 6.60
C LEU B 86 12.11 33.71 6.73
N LEU B 87 11.88 32.52 7.28
CA LEU B 87 10.52 32.04 7.52
C LEU B 87 9.78 32.97 8.48
N GLU B 88 10.40 33.29 9.61
CA GLU B 88 9.75 34.20 10.54
C GLU B 88 9.71 35.62 10.00
N ASP B 89 10.65 35.97 9.11
CA ASP B 89 10.59 37.25 8.43
C ASP B 89 9.32 37.36 7.59
N ILE B 90 9.03 36.31 6.82
CA ILE B 90 7.79 36.28 6.06
C ILE B 90 6.58 36.26 7.00
N GLU B 91 6.73 35.58 8.14
CA GLU B 91 5.63 35.44 9.08
C GLU B 91 5.20 36.80 9.62
N SER B 92 6.14 37.58 10.13
CA SER B 92 5.77 38.83 10.78
C SER B 92 6.55 40.04 10.26
N LYS B 93 7.83 39.88 9.93
CA LYS B 93 8.65 41.01 9.58
C LYS B 93 8.30 41.61 8.22
N ILE B 94 7.48 40.94 7.43
CA ILE B 94 7.09 41.43 6.11
C ILE B 94 5.76 42.16 6.25
N GLN B 95 5.74 43.43 5.86
CA GLN B 95 4.56 44.26 5.98
C GLN B 95 4.25 44.92 4.64
N PRO B 96 2.98 45.10 4.32
CA PRO B 96 2.63 45.78 3.06
C PRO B 96 3.01 47.25 3.09
N GLY B 97 3.26 47.80 1.90
CA GLY B 97 3.56 49.20 1.73
C GLY B 97 2.49 49.91 0.91
N SER B 98 2.73 51.21 0.69
CA SER B 98 1.82 52.04 -0.06
C SER B 98 2.40 52.57 -1.36
N GLN B 99 3.69 52.39 -1.60
CA GLN B 99 4.33 52.92 -2.80
C GLN B 99 4.29 51.89 -3.92
N GLN B 100 4.64 52.34 -5.13
CA GLN B 100 4.66 51.50 -6.31
C GLN B 100 6.01 51.64 -7.00
N ALA B 101 6.36 50.61 -7.77
CA ALA B 101 7.60 50.60 -8.52
C ALA B 101 7.43 49.71 -9.74
N ASP B 102 8.32 49.91 -10.71
CA ASP B 102 8.30 49.12 -11.93
C ASP B 102 8.84 47.72 -11.65
N PHE B 103 8.01 46.70 -11.85
CA PHE B 103 8.45 45.33 -11.67
C PHE B 103 9.56 44.94 -12.64
N LEU B 104 9.67 45.64 -13.77
CA LEU B 104 10.80 45.44 -14.67
C LEU B 104 12.11 45.75 -13.96
N ASP B 105 12.12 46.80 -13.13
CA ASP B 105 13.31 47.10 -12.33
C ASP B 105 13.61 45.98 -11.36
N ALA B 106 12.58 45.38 -10.77
CA ALA B 106 12.79 44.25 -9.88
C ALA B 106 13.41 43.08 -10.62
N LEU B 107 12.92 42.79 -11.83
CA LEU B 107 13.51 41.74 -12.63
C LEU B 107 14.96 42.05 -12.97
N ILE B 108 15.25 43.31 -13.29
CA ILE B 108 16.62 43.70 -13.64
C ILE B 108 17.55 43.50 -12.46
N VAL B 109 17.13 43.95 -11.27
CA VAL B 109 17.99 43.84 -10.10
C VAL B 109 18.15 42.37 -9.70
N SER B 110 17.09 41.57 -9.83
CA SER B 110 17.22 40.14 -9.52
C SER B 110 18.19 39.45 -10.49
N MET B 111 18.10 39.78 -11.78
CA MET B 111 19.04 39.20 -12.73
C MET B 111 20.46 39.65 -12.45
N ASP B 112 20.65 40.91 -12.04
CA ASP B 112 21.99 41.36 -11.69
C ASP B 112 22.50 40.65 -10.44
N VAL B 113 21.63 40.39 -9.48
CA VAL B 113 22.01 39.63 -8.30
C VAL B 113 22.44 38.23 -8.69
N ILE B 114 21.72 37.61 -9.63
CA ILE B 114 22.13 36.30 -10.14
C ILE B 114 23.49 36.41 -10.83
N GLN B 115 23.69 37.47 -11.60
CA GLN B 115 24.96 37.64 -12.31
C GLN B 115 26.13 37.76 -11.33
N HIS B 116 25.92 38.46 -10.22
CA HIS B 116 27.01 38.81 -9.32
C HIS B 116 27.23 37.78 -8.21
N GLU B 117 26.20 37.49 -7.42
CA GLU B 117 26.39 36.67 -6.23
C GLU B 117 26.68 35.21 -6.57
N THR B 118 26.12 34.68 -7.65
CA THR B 118 26.35 33.28 -7.99
C THR B 118 27.76 33.01 -8.46
N ILE B 119 28.58 34.05 -8.67
CA ILE B 119 29.98 33.84 -9.02
C ILE B 119 30.65 33.04 -7.91
N GLY B 120 31.38 31.99 -8.30
CA GLY B 120 31.95 31.06 -7.34
C GLY B 120 31.01 29.95 -6.93
N LYS B 121 29.79 29.92 -7.46
CA LYS B 121 28.83 28.86 -7.18
C LYS B 121 28.34 28.30 -8.50
N LYS B 122 28.18 26.97 -8.55
CA LYS B 122 27.78 26.27 -9.77
C LYS B 122 26.48 25.53 -9.50
N PHE B 123 25.38 26.06 -10.05
CA PHE B 123 24.07 25.46 -9.89
C PHE B 123 23.72 24.64 -11.12
N GLU B 124 22.48 24.14 -11.14
CA GLU B 124 21.94 23.37 -12.26
C GLU B 124 20.85 24.13 -13.02
N LYS B 125 19.99 24.85 -12.29
CA LYS B 125 18.92 25.62 -12.90
C LYS B 125 18.82 26.97 -12.20
N ARG B 126 18.33 27.96 -12.94
CA ARG B 126 18.11 29.30 -12.42
C ARG B 126 16.67 29.70 -12.71
N HIS B 127 15.98 30.21 -11.69
CA HIS B 127 14.56 30.50 -11.83
C HIS B 127 14.19 31.72 -11.01
N ILE B 128 13.17 32.44 -11.47
CA ILE B 128 12.63 33.61 -10.77
C ILE B 128 11.10 33.54 -10.83
N GLU B 129 10.45 33.86 -9.72
CA GLU B 129 9.01 33.91 -9.63
C GLU B 129 8.57 35.31 -9.23
N ILE B 130 7.41 35.74 -9.75
CA ILE B 130 6.95 37.11 -9.60
C ILE B 130 5.51 37.12 -9.13
N PHE B 131 5.17 38.06 -8.24
CA PHE B 131 3.82 38.24 -7.74
C PHE B 131 3.52 39.74 -7.75
N THR B 132 2.46 40.14 -8.45
CA THR B 132 2.18 41.55 -8.65
C THR B 132 0.71 41.74 -8.99
N ASP B 133 0.30 43.00 -9.09
CA ASP B 133 -1.09 43.37 -9.35
C ASP B 133 -1.40 43.60 -10.82
N LEU B 134 -0.38 43.94 -11.62
CA LEU B 134 -0.52 44.37 -13.01
C LEU B 134 -1.20 45.72 -13.11
N SER B 135 -1.68 46.26 -11.99
CA SER B 135 -2.34 47.56 -11.98
C SER B 135 -1.43 48.68 -11.52
N SER B 136 -0.15 48.40 -11.31
CA SER B 136 0.80 49.44 -10.90
C SER B 136 1.40 50.11 -12.12
N ARG B 137 1.48 51.44 -12.07
CA ARG B 137 2.10 52.19 -13.15
C ARG B 137 3.59 51.88 -13.21
N PHE B 138 4.12 51.75 -14.43
CA PHE B 138 5.51 51.39 -14.63
C PHE B 138 5.99 52.03 -15.92
N SER B 139 7.20 51.65 -16.34
CA SER B 139 7.77 52.12 -17.60
C SER B 139 8.23 50.91 -18.40
N LYS B 140 7.93 50.91 -19.69
CA LYS B 140 8.31 49.79 -20.58
C LYS B 140 9.07 50.38 -21.77
N SER B 141 10.39 50.47 -21.64
CA SER B 141 11.22 50.96 -22.73
C SER B 141 12.53 50.19 -22.89
N GLN B 142 12.76 49.12 -22.13
CA GLN B 142 13.97 48.31 -22.25
C GLN B 142 13.65 46.82 -22.37
N LEU B 143 12.46 46.47 -22.86
CA LEU B 143 12.02 45.08 -22.83
C LEU B 143 12.95 44.18 -23.64
N ASP B 144 13.32 44.61 -24.84
CA ASP B 144 14.15 43.77 -25.70
C ASP B 144 15.51 43.50 -25.04
N ILE B 145 16.09 44.50 -24.39
CA ILE B 145 17.35 44.29 -23.68
C ILE B 145 17.17 43.24 -22.59
N ILE B 146 16.09 43.36 -21.82
CA ILE B 146 15.84 42.40 -20.73
C ILE B 146 15.68 41.00 -21.28
N ILE B 147 14.89 40.86 -22.34
CA ILE B 147 14.63 39.54 -22.92
C ILE B 147 15.93 38.93 -23.44
N HIS B 148 16.72 39.72 -24.17
CA HIS B 148 17.97 39.22 -24.71
C HIS B 148 18.92 38.80 -23.60
N SER B 149 19.03 39.63 -22.55
CA SER B 149 19.95 39.31 -21.46
C SER B 149 19.51 38.04 -20.72
N LEU B 150 18.21 37.90 -20.45
CA LEU B 150 17.76 36.73 -19.71
C LEU B 150 17.81 35.47 -20.56
N LYS B 151 17.62 35.59 -21.88
CA LYS B 151 17.81 34.45 -22.77
C LYS B 151 19.28 34.05 -22.81
N LYS B 152 20.18 35.03 -22.83
CA LYS B 152 21.60 34.74 -22.77
C LYS B 152 21.97 34.04 -21.48
N CYS B 153 21.39 34.48 -20.36
CA CYS B 153 21.62 33.85 -19.07
C CYS B 153 20.85 32.54 -18.91
N ASP B 154 19.86 32.29 -19.77
CA ASP B 154 19.07 31.05 -19.75
C ASP B 154 18.46 30.81 -18.37
N ILE B 155 17.58 31.72 -17.98
CA ILE B 155 16.91 31.67 -16.68
C ILE B 155 15.40 31.60 -16.91
N SER B 156 14.75 30.60 -16.32
CA SER B 156 13.32 30.43 -16.46
C SER B 156 12.57 31.42 -15.57
N LEU B 157 11.34 31.73 -15.96
CA LEU B 157 10.49 32.69 -15.26
C LEU B 157 9.15 32.03 -14.94
N GLN B 158 8.44 32.64 -14.00
CA GLN B 158 7.11 32.16 -13.60
C GLN B 158 6.38 33.32 -12.94
N PHE B 159 5.07 33.39 -13.16
CA PHE B 159 4.27 34.50 -12.69
C PHE B 159 3.02 34.01 -11.98
N PHE B 160 2.68 34.67 -10.87
CA PHE B 160 1.49 34.36 -10.10
C PHE B 160 0.77 35.66 -9.78
N LEU B 161 -0.54 35.64 -9.92
CA LEU B 161 -1.40 36.80 -9.79
C LEU B 161 -2.59 36.45 -8.91
N PRO B 162 -3.31 37.45 -8.40
CA PRO B 162 -4.54 37.16 -7.63
C PRO B 162 -5.69 36.73 -8.53
N PHE B 163 -5.41 36.46 -9.80
CA PHE B 163 -6.43 36.04 -10.75
C PHE B 163 -5.80 35.11 -11.77
N SER B 164 -6.64 34.32 -12.42
CA SER B 164 -6.20 33.36 -13.42
C SER B 164 -6.15 34.05 -14.79
N LEU B 165 -5.93 33.27 -15.84
CA LEU B 165 -5.87 33.79 -17.19
C LEU B 165 -7.28 33.84 -17.79
N GLY B 166 -7.37 34.34 -19.02
CA GLY B 166 -8.64 34.45 -19.71
C GLY B 166 -9.32 33.11 -19.94
N LYS B 167 -10.55 32.97 -19.47
CA LYS B 167 -11.30 31.73 -19.61
C LYS B 167 -12.79 32.06 -19.72
N GLU B 168 -13.54 31.10 -20.26
CA GLU B 168 -14.98 31.23 -20.39
C GLU B 168 -15.74 30.18 -19.57
N ASP B 169 -15.05 29.43 -18.72
CA ASP B 169 -15.66 28.37 -17.94
C ASP B 169 -16.18 28.93 -16.62
N GLY B 170 -16.69 28.05 -15.76
CA GLY B 170 -17.16 28.42 -14.45
C GLY B 170 -16.08 28.51 -13.40
N SER B 171 -14.83 28.17 -13.73
CA SER B 171 -13.73 28.28 -12.80
C SER B 171 -12.97 29.60 -12.91
N GLY B 172 -13.10 30.30 -14.01
CA GLY B 172 -12.45 31.59 -14.19
C GLY B 172 -13.40 32.76 -14.15
N ASP B 173 -14.70 32.47 -14.09
CA ASP B 173 -15.74 33.48 -14.06
C ASP B 173 -16.55 33.33 -12.78
N ARG B 174 -16.84 34.45 -12.13
CA ARG B 174 -17.54 34.46 -10.84
C ARG B 174 -18.98 34.01 -11.05
N GLY B 175 -19.25 32.75 -10.76
CA GLY B 175 -20.60 32.21 -10.83
C GLY B 175 -21.31 32.29 -9.49
N ASP B 176 -22.33 31.46 -9.35
CA ASP B 176 -23.06 31.40 -8.09
C ASP B 176 -22.18 30.87 -6.98
N GLY B 177 -22.35 31.42 -5.78
CA GLY B 177 -21.55 31.04 -4.64
C GLY B 177 -20.36 31.96 -4.44
N PRO B 178 -19.98 32.17 -3.18
CA PRO B 178 -18.84 33.05 -2.90
C PRO B 178 -17.53 32.43 -3.36
N PHE B 179 -16.60 33.29 -3.75
CA PHE B 179 -15.27 32.84 -4.11
C PHE B 179 -14.54 32.30 -2.89
N ARG B 180 -13.83 31.19 -3.07
CA ARG B 180 -13.14 30.52 -1.98
C ARG B 180 -11.68 30.33 -2.35
N LEU B 181 -10.80 30.51 -1.37
CA LEU B 181 -9.37 30.37 -1.61
C LEU B 181 -8.99 28.90 -1.74
N GLY B 182 -8.26 28.57 -2.81
CA GLY B 182 -7.78 27.22 -3.01
C GLY B 182 -8.80 26.25 -3.54
N GLY B 183 -10.02 26.69 -3.83
CA GLY B 183 -11.03 25.80 -4.34
C GLY B 183 -10.91 25.54 -5.82
N HIS B 184 -11.74 24.62 -6.31
CA HIS B 184 -11.79 24.28 -7.72
C HIS B 184 -12.79 25.13 -8.49
N GLY B 185 -13.43 26.08 -7.83
CA GLY B 185 -14.52 26.83 -8.43
C GLY B 185 -14.08 28.12 -9.09
N PRO B 186 -14.96 29.12 -9.05
CA PRO B 186 -14.73 30.35 -9.81
C PRO B 186 -13.52 31.13 -9.29
N SER B 187 -13.08 32.07 -10.13
CA SER B 187 -12.03 33.02 -9.78
C SER B 187 -12.45 34.41 -10.22
N PHE B 188 -11.53 35.36 -10.20
CA PHE B 188 -11.87 36.73 -10.57
C PHE B 188 -12.30 36.78 -12.04
N PRO B 189 -13.39 37.46 -12.36
CA PRO B 189 -13.86 37.50 -13.76
C PRO B 189 -13.16 38.59 -14.55
N LEU B 190 -13.59 38.79 -15.80
CA LEU B 190 -13.11 39.94 -16.56
C LEU B 190 -13.93 41.17 -16.18
N LYS B 191 -14.02 41.45 -14.88
CA LYS B 191 -14.78 42.58 -14.37
C LYS B 191 -14.09 43.30 -13.22
N GLY B 192 -12.89 42.86 -12.82
CA GLY B 192 -12.18 43.49 -11.73
C GLY B 192 -10.83 44.04 -12.15
N ILE B 193 -10.36 43.61 -13.32
CA ILE B 193 -9.09 44.07 -13.83
C ILE B 193 -9.21 45.52 -14.30
N THR B 194 -8.08 46.21 -14.32
CA THR B 194 -8.01 47.57 -14.83
C THR B 194 -7.38 47.59 -16.21
N GLU B 195 -7.41 48.76 -16.84
CA GLU B 195 -6.73 48.91 -18.12
C GLU B 195 -5.23 48.75 -17.95
N GLN B 196 -4.67 49.24 -16.85
CA GLN B 196 -3.28 48.96 -16.53
C GLN B 196 -3.05 47.48 -16.36
N GLN B 197 -4.02 46.78 -15.75
CA GLN B 197 -3.91 45.33 -15.61
C GLN B 197 -3.88 44.64 -16.97
N LYS B 198 -4.74 45.08 -17.89
CA LYS B 198 -4.72 44.53 -19.24
C LYS B 198 -3.40 44.81 -19.94
N GLU B 199 -2.87 46.01 -19.75
CA GLU B 199 -1.57 46.36 -20.34
C GLU B 199 -0.48 45.44 -19.83
N GLY B 200 -0.40 45.27 -18.51
CA GLY B 200 0.60 44.38 -17.94
C GLY B 200 0.41 42.94 -18.36
N LEU B 201 -0.86 42.51 -18.50
CA LEU B 201 -1.14 41.16 -18.96
C LEU B 201 -0.64 40.96 -20.37
N GLU B 202 -0.86 41.93 -21.25
CA GLU B 202 -0.34 41.82 -22.61
C GLU B 202 1.18 41.80 -22.62
N ILE B 203 1.82 42.62 -21.78
CA ILE B 203 3.27 42.64 -21.73
C ILE B 203 3.82 41.29 -21.28
N VAL B 204 3.28 40.75 -20.19
CA VAL B 204 3.78 39.47 -19.70
C VAL B 204 3.45 38.35 -20.68
N LYS B 205 2.31 38.42 -21.36
CA LYS B 205 1.95 37.41 -22.33
C LYS B 205 2.92 37.40 -23.51
N MET B 206 3.24 38.59 -24.03
CA MET B 206 4.18 38.64 -25.14
C MET B 206 5.57 38.22 -24.70
N VAL B 207 5.96 38.54 -23.46
CA VAL B 207 7.23 38.06 -22.94
C VAL B 207 7.26 36.54 -22.90
N MET B 208 6.20 35.94 -22.35
CA MET B 208 6.15 34.49 -22.22
C MET B 208 6.16 33.80 -23.57
N ILE B 209 5.41 34.34 -24.54
CA ILE B 209 5.39 33.70 -25.85
C ILE B 209 6.74 33.84 -26.53
N SER B 210 7.33 35.04 -26.51
CA SER B 210 8.63 35.23 -27.14
C SER B 210 9.69 34.34 -26.51
N LEU B 211 9.57 34.07 -25.22
CA LEU B 211 10.50 33.15 -24.57
C LEU B 211 10.25 31.71 -25.01
N GLU B 212 9.06 31.19 -24.73
CA GLU B 212 8.81 29.75 -24.78
C GLU B 212 7.51 29.44 -25.52
N GLY B 213 7.35 29.98 -26.73
CA GLY B 213 6.28 29.53 -27.61
C GLY B 213 4.91 29.63 -26.95
N GLU B 214 4.10 28.58 -27.17
CA GLU B 214 2.79 28.51 -26.52
C GLU B 214 2.90 28.10 -25.06
N ASP B 215 3.87 27.25 -24.72
CA ASP B 215 3.99 26.74 -23.36
C ASP B 215 4.23 27.85 -22.35
N GLY B 216 4.73 29.00 -22.79
CA GLY B 216 4.95 30.10 -21.87
C GLY B 216 3.69 30.61 -21.21
N LEU B 217 2.55 30.44 -21.89
CA LEU B 217 1.28 30.81 -21.30
C LEU B 217 0.98 29.96 -20.06
N ASP B 218 1.39 28.69 -20.09
CA ASP B 218 1.12 27.79 -18.99
C ASP B 218 1.80 28.25 -17.70
N GLU B 219 2.90 28.98 -17.81
CA GLU B 219 3.68 29.40 -16.65
C GLU B 219 3.10 30.60 -15.92
N ILE B 220 1.83 30.92 -16.16
CA ILE B 220 1.12 31.98 -15.46
C ILE B 220 0.01 31.35 -14.64
N TYR B 221 -0.03 31.66 -13.35
CA TYR B 221 -0.98 31.03 -12.44
C TYR B 221 -1.58 32.06 -11.50
N SER B 222 -2.74 31.71 -10.95
CA SER B 222 -3.30 32.43 -9.82
C SER B 222 -2.80 31.82 -8.53
N PHE B 223 -2.91 32.59 -7.44
CA PHE B 223 -2.46 32.09 -6.15
C PHE B 223 -3.27 30.88 -5.72
N SER B 224 -4.58 30.90 -5.95
CA SER B 224 -5.43 29.79 -5.54
C SER B 224 -5.05 28.50 -6.25
N GLU B 225 -4.88 28.56 -7.56
CA GLU B 225 -4.54 27.34 -8.31
C GLU B 225 -3.08 26.95 -8.10
N SER B 226 -2.22 27.92 -7.80
CA SER B 226 -0.84 27.58 -7.46
C SER B 226 -0.77 26.88 -6.11
N LEU B 227 -1.71 27.17 -5.22
CA LEU B 227 -1.75 26.50 -3.92
C LEU B 227 -2.05 25.01 -4.04
N ARG B 228 -2.57 24.55 -5.18
CA ARG B 228 -2.95 23.16 -5.35
C ARG B 228 -2.13 22.47 -6.43
N LYS B 229 -0.97 23.02 -6.81
CA LYS B 229 -0.11 22.44 -7.82
C LYS B 229 1.32 22.44 -7.32
N LEU B 230 2.20 21.80 -8.10
CA LEU B 230 3.63 21.83 -7.85
C LEU B 230 4.37 22.69 -8.87
N CYS B 231 3.66 23.61 -9.52
CA CYS B 231 4.26 24.43 -10.55
C CYS B 231 5.37 25.31 -9.99
N VAL B 232 5.26 25.72 -8.72
CA VAL B 232 6.30 26.54 -8.11
C VAL B 232 7.61 25.75 -8.04
N PHE B 233 7.52 24.44 -7.84
CA PHE B 233 8.68 23.56 -7.88
C PHE B 233 8.93 22.99 -9.27
N LYS B 234 8.16 23.42 -10.27
CA LYS B 234 8.31 22.89 -11.62
C LYS B 234 9.67 23.20 -12.21
N LYS B 235 10.30 24.30 -11.78
CA LYS B 235 11.59 24.70 -12.33
C LYS B 235 12.77 24.21 -11.51
N ILE B 236 12.53 23.48 -10.42
CA ILE B 236 13.59 22.98 -9.57
C ILE B 236 13.55 21.46 -9.47
N GLU B 237 12.93 20.79 -10.42
CA GLU B 237 12.84 19.34 -10.39
C GLU B 237 14.21 18.71 -10.59
N ARG B 238 14.41 17.55 -9.96
CA ARG B 238 15.62 16.76 -10.10
C ARG B 238 15.24 15.44 -10.78
N HIS B 239 15.68 15.26 -12.02
CA HIS B 239 15.33 14.06 -12.76
C HIS B 239 15.91 12.83 -12.10
N SER B 240 15.08 11.78 -11.99
CA SER B 240 15.52 10.54 -11.39
C SER B 240 16.59 9.88 -12.25
N ILE B 241 17.52 9.19 -11.57
CA ILE B 241 18.58 8.49 -12.29
C ILE B 241 17.98 7.37 -13.12
N HIS B 242 18.30 7.36 -14.41
CA HIS B 242 17.78 6.32 -15.29
C HIS B 242 18.34 4.96 -14.88
N TRP B 243 17.49 3.94 -14.96
CA TRP B 243 17.92 2.58 -14.69
C TRP B 243 18.09 1.85 -16.00
N PRO B 244 19.30 1.51 -16.41
CA PRO B 244 19.50 0.83 -17.69
C PRO B 244 19.20 -0.66 -17.59
N CYS B 245 19.08 -1.28 -18.76
CA CYS B 245 18.92 -2.74 -18.86
C CYS B 245 19.02 -3.11 -20.33
N ARG B 246 18.95 -4.41 -20.59
CA ARG B 246 18.95 -4.95 -21.95
C ARG B 246 17.72 -5.83 -22.10
N LEU B 247 16.65 -5.28 -22.67
CA LEU B 247 15.48 -6.08 -23.01
C LEU B 247 15.89 -7.17 -23.99
N THR B 248 15.32 -8.37 -23.82
CA THR B 248 15.72 -9.48 -24.66
C THR B 248 14.54 -10.36 -25.00
N ILE B 249 14.56 -10.86 -26.23
CA ILE B 249 13.67 -11.93 -26.68
C ILE B 249 14.56 -13.05 -27.21
N GLY B 250 14.33 -14.26 -26.70
CA GLY B 250 15.20 -15.38 -26.98
C GLY B 250 16.60 -15.11 -26.48
N SER B 251 17.57 -15.79 -27.09
CA SER B 251 18.96 -15.44 -26.88
C SER B 251 19.51 -14.54 -27.99
N ASN B 252 18.70 -14.30 -29.03
CA ASN B 252 19.19 -13.54 -30.18
C ASN B 252 18.83 -12.06 -30.06
N LEU B 253 17.56 -11.75 -29.82
CA LEU B 253 17.09 -10.37 -29.92
C LEU B 253 17.38 -9.62 -28.62
N SER B 254 18.05 -8.48 -28.74
CA SER B 254 18.38 -7.67 -27.58
C SER B 254 18.30 -6.19 -27.96
N ILE B 255 17.72 -5.40 -27.06
CA ILE B 255 17.59 -3.95 -27.23
C ILE B 255 17.95 -3.30 -25.91
N ARG B 256 18.95 -2.43 -25.92
CA ARG B 256 19.31 -1.70 -24.72
C ARG B 256 18.25 -0.65 -24.41
N ILE B 257 17.81 -0.59 -23.15
CA ILE B 257 16.68 0.22 -22.74
C ILE B 257 17.01 0.95 -21.46
N ALA B 258 16.27 2.04 -21.21
CA ALA B 258 16.40 2.82 -19.98
C ALA B 258 15.02 3.05 -19.39
N ALA B 259 14.86 2.79 -18.10
CA ALA B 259 13.58 2.90 -17.42
C ALA B 259 13.67 3.95 -16.31
N TYR B 260 12.50 4.46 -15.93
CA TYR B 260 12.37 5.42 -14.84
C TYR B 260 11.17 5.03 -14.00
N LYS B 261 11.22 5.42 -12.72
CA LYS B 261 10.12 5.22 -11.79
C LYS B 261 9.10 6.32 -12.01
N SER B 262 8.15 6.10 -12.92
CA SER B 262 7.24 7.16 -13.31
C SER B 262 6.30 7.53 -12.15
N ILE B 263 5.68 6.53 -11.52
CA ILE B 263 4.76 6.75 -10.43
C ILE B 263 5.32 6.02 -9.20
N LEU B 264 5.62 6.79 -8.16
CA LEU B 264 6.20 6.25 -6.94
C LEU B 264 5.50 6.86 -5.74
N GLN B 265 5.13 6.03 -4.77
CA GLN B 265 4.54 6.51 -3.54
C GLN B 265 5.62 7.17 -2.69
N GLU B 266 5.53 8.48 -2.52
CA GLU B 266 6.56 9.22 -1.80
C GLU B 266 6.48 8.94 -0.31
N ARG B 267 7.40 9.54 0.45
CA ARG B 267 7.50 9.29 1.88
C ARG B 267 8.40 10.36 2.48
N VAL B 268 8.10 10.76 3.71
CA VAL B 268 8.97 11.69 4.41
C VAL B 268 10.35 11.05 4.63
N LYS B 269 11.35 11.90 4.77
CA LYS B 269 12.74 11.46 4.85
C LYS B 269 13.38 11.90 6.17
N LYS B 270 12.64 11.76 7.27
CA LYS B 270 13.18 12.11 8.58
C LYS B 270 12.42 11.33 9.65
N THR B 271 13.07 10.35 10.25
CA THR B 271 12.45 9.59 11.32
C THR B 271 12.30 10.44 12.58
N TRP B 272 11.29 10.12 13.37
CA TRP B 272 11.02 10.84 14.62
C TRP B 272 11.83 10.19 15.73
N THR B 273 13.01 10.72 16.01
CA THR B 273 13.85 10.18 17.05
C THR B 273 13.25 10.47 18.42
N VAL B 274 13.25 9.47 19.30
CA VAL B 274 12.75 9.64 20.66
C VAL B 274 13.91 10.09 21.55
N VAL B 275 13.67 11.11 22.36
CA VAL B 275 14.69 11.73 23.18
C VAL B 275 14.15 11.90 24.60
N ASP B 276 15.00 12.49 25.46
CA ASP B 276 14.63 12.74 26.84
C ASP B 276 13.52 13.79 26.91
N ALA B 277 12.57 13.58 27.83
CA ALA B 277 11.59 14.62 28.12
C ALA B 277 12.19 15.80 28.85
N LYS B 278 13.40 15.67 29.37
CA LYS B 278 14.06 16.74 30.12
C LYS B 278 15.28 17.29 29.40
N THR B 279 16.25 16.44 29.08
CA THR B 279 17.46 16.88 28.40
C THR B 279 17.33 16.88 26.89
N LEU B 280 16.24 16.31 26.36
CA LEU B 280 15.94 16.33 24.93
C LEU B 280 17.07 15.68 24.12
N LYS B 281 17.62 14.59 24.64
CA LYS B 281 18.69 13.85 23.99
C LYS B 281 18.28 12.40 23.80
N LYS B 282 18.65 11.84 22.65
CA LYS B 282 18.36 10.43 22.38
C LYS B 282 19.44 9.50 22.92
N GLU B 283 20.69 9.96 22.98
CA GLU B 283 21.79 9.11 23.37
C GLU B 283 21.65 8.62 24.81
N ASP B 284 21.19 9.49 25.70
CA ASP B 284 21.06 9.09 27.11
C ASP B 284 19.88 8.15 27.36
N ILE B 285 19.21 7.66 26.32
CA ILE B 285 18.17 6.65 26.46
C ILE B 285 18.57 5.47 25.59
N GLN B 286 18.60 4.27 26.18
CA GLN B 286 19.15 3.09 25.55
C GLN B 286 18.04 2.12 25.18
N LYS B 287 18.05 1.65 23.94
CA LYS B 287 17.11 0.64 23.48
C LYS B 287 17.75 -0.74 23.50
N GLU B 288 17.09 -1.68 24.16
CA GLU B 288 17.64 -3.01 24.34
C GLU B 288 16.57 -4.04 24.04
N THR B 289 17.01 -5.26 23.73
CA THR B 289 16.12 -6.35 23.37
C THR B 289 16.12 -7.39 24.48
N VAL B 290 14.94 -7.87 24.82
CA VAL B 290 14.76 -8.85 25.91
C VAL B 290 14.72 -10.25 25.29
N TYR B 291 15.48 -11.16 25.88
CA TYR B 291 15.48 -12.56 25.48
C TYR B 291 15.17 -13.43 26.69
N CYS B 292 14.01 -14.07 26.67
CA CYS B 292 13.61 -14.99 27.73
C CYS B 292 12.99 -16.23 27.11
N LEU B 293 12.97 -17.32 27.87
CA LEU B 293 12.36 -18.54 27.40
C LEU B 293 10.85 -18.37 27.24
N ASN B 294 10.28 -19.12 26.30
CA ASN B 294 8.83 -19.20 26.14
C ASN B 294 8.30 -20.16 27.19
N ASP B 295 8.30 -19.70 28.43
CA ASP B 295 7.90 -20.51 29.58
C ASP B 295 7.31 -19.59 30.63
N ASP B 296 7.19 -20.11 31.86
CA ASP B 296 6.73 -19.32 32.99
C ASP B 296 7.86 -18.81 33.87
N ASP B 297 9.00 -19.49 33.87
CA ASP B 297 10.14 -19.04 34.66
C ASP B 297 10.80 -17.80 34.09
N GLU B 298 10.59 -17.53 32.79
CA GLU B 298 11.15 -16.35 32.12
C GLU B 298 12.67 -16.29 32.28
N THR B 299 13.33 -17.42 32.09
CA THR B 299 14.78 -17.48 32.20
C THR B 299 15.43 -16.68 31.07
N GLU B 300 16.42 -15.87 31.42
CA GLU B 300 17.12 -15.06 30.43
C GLU B 300 17.89 -15.93 29.45
N VAL B 301 18.00 -15.47 28.22
CA VAL B 301 18.68 -16.19 27.14
C VAL B 301 19.85 -15.35 26.66
N LEU B 302 21.04 -15.97 26.64
CA LEU B 302 22.19 -15.34 26.01
C LEU B 302 22.03 -15.38 24.50
N LYS B 303 22.52 -14.33 23.82
CA LYS B 303 22.34 -14.23 22.38
C LYS B 303 23.03 -15.37 21.64
N GLU B 304 24.13 -15.89 22.20
CA GLU B 304 24.85 -16.98 21.53
C GLU B 304 23.99 -18.23 21.45
N ASP B 305 23.25 -18.53 22.50
CA ASP B 305 22.39 -19.72 22.54
C ASP B 305 21.13 -19.57 21.71
N ILE B 306 21.01 -18.54 20.88
CA ILE B 306 19.83 -18.33 20.05
C ILE B 306 20.18 -18.67 18.60
N ILE B 307 19.36 -19.51 17.98
CA ILE B 307 19.50 -19.86 16.57
C ILE B 307 18.17 -19.64 15.89
N GLN B 308 18.21 -19.11 14.67
CA GLN B 308 16.99 -18.82 13.93
C GLN B 308 16.31 -20.11 13.49
N GLY B 309 15.09 -19.96 12.99
CA GLY B 309 14.33 -21.11 12.53
C GLY B 309 13.13 -20.66 11.74
N PHE B 310 12.35 -21.65 11.29
CA PHE B 310 11.17 -21.36 10.49
C PHE B 310 10.06 -22.35 10.80
N ARG B 311 8.83 -21.84 10.80
CA ARG B 311 7.66 -22.66 11.02
C ARG B 311 7.25 -23.36 9.73
N TYR B 312 7.01 -24.66 9.81
CA TYR B 312 6.51 -25.45 8.70
C TYR B 312 5.30 -26.22 9.23
N GLY B 313 4.13 -25.60 9.14
CA GLY B 313 2.91 -26.21 9.63
C GLY B 313 3.00 -26.64 11.08
N SER B 314 3.02 -27.95 11.31
CA SER B 314 3.13 -28.47 12.66
C SER B 314 4.48 -28.14 13.29
N ASP B 315 5.56 -28.27 12.53
CA ASP B 315 6.90 -28.33 13.09
C ASP B 315 7.61 -26.98 13.01
N ILE B 316 8.73 -26.90 13.71
CA ILE B 316 9.62 -25.75 13.67
C ILE B 316 11.02 -26.26 13.36
N VAL B 317 11.55 -25.87 12.20
CA VAL B 317 12.84 -26.36 11.73
C VAL B 317 13.90 -25.32 12.09
N PRO B 318 14.94 -25.69 12.82
CA PRO B 318 16.04 -24.76 13.08
C PRO B 318 16.81 -24.46 11.80
N PHE B 319 17.58 -23.38 11.83
CA PHE B 319 18.21 -22.87 10.61
C PHE B 319 19.34 -21.94 11.02
N SER B 320 20.25 -21.69 10.09
CA SER B 320 21.36 -20.76 10.30
C SER B 320 21.54 -19.88 9.07
N LYS B 321 22.14 -18.71 9.30
CA LYS B 321 22.31 -17.74 8.21
C LYS B 321 23.24 -18.25 7.13
N VAL B 322 24.22 -19.07 7.48
CA VAL B 322 25.07 -19.68 6.45
C VAL B 322 24.22 -20.60 5.57
N ASP B 323 23.33 -21.38 6.19
CA ASP B 323 22.40 -22.19 5.41
C ASP B 323 21.56 -21.32 4.50
N GLU B 324 21.10 -20.17 5.01
CA GLU B 324 20.35 -19.22 4.18
C GLU B 324 21.15 -18.80 2.96
N GLU B 325 22.40 -18.40 3.18
CA GLU B 325 23.22 -17.95 2.07
C GLU B 325 23.45 -19.07 1.07
N GLN B 326 23.59 -20.31 1.55
CA GLN B 326 24.01 -21.36 0.63
C GLN B 326 22.85 -21.96 -0.15
N MET B 327 21.65 -22.10 0.42
CA MET B 327 20.57 -22.67 -0.39
C MET B 327 19.46 -21.68 -0.74
N LYS B 328 19.63 -20.39 -0.48
CA LYS B 328 18.64 -19.45 -0.96
C LYS B 328 18.62 -19.44 -2.50
N TYR B 329 17.46 -19.14 -3.07
CA TYR B 329 17.40 -18.98 -4.52
C TYR B 329 18.19 -17.75 -4.94
N LYS B 330 18.87 -17.87 -6.07
CA LYS B 330 19.65 -16.76 -6.62
C LYS B 330 19.28 -16.57 -8.09
N SER B 331 18.97 -15.33 -8.46
CA SER B 331 18.58 -15.00 -9.82
C SER B 331 19.83 -14.90 -10.69
N GLU B 332 19.67 -14.36 -11.90
CA GLU B 332 20.78 -14.20 -12.83
C GLU B 332 20.98 -12.71 -13.07
N GLY B 333 21.73 -12.07 -12.17
CA GLY B 333 21.95 -10.64 -12.27
C GLY B 333 20.66 -9.87 -12.34
N LYS B 334 20.66 -8.82 -13.15
CA LYS B 334 19.44 -8.15 -13.55
C LYS B 334 18.91 -8.78 -14.83
N CYS B 335 17.60 -8.65 -15.04
CA CYS B 335 16.99 -9.25 -16.21
C CYS B 335 15.75 -8.47 -16.62
N PHE B 336 15.58 -8.34 -17.93
CA PHE B 336 14.36 -7.77 -18.52
C PHE B 336 14.12 -8.58 -19.80
N SER B 337 13.33 -9.64 -19.68
CA SER B 337 13.09 -10.56 -20.77
C SER B 337 11.59 -10.69 -21.02
N VAL B 338 11.24 -10.85 -22.29
CA VAL B 338 9.85 -10.98 -22.69
C VAL B 338 9.48 -12.46 -22.64
N LEU B 339 8.57 -12.81 -21.72
CA LEU B 339 8.02 -14.15 -21.67
C LEU B 339 7.06 -14.42 -22.82
N GLY B 340 6.42 -13.38 -23.34
CA GLY B 340 5.46 -13.54 -24.41
C GLY B 340 4.46 -12.40 -24.39
N PHE B 341 3.37 -12.60 -25.13
CA PHE B 341 2.38 -11.56 -25.32
C PHE B 341 0.98 -12.12 -25.11
N CYS B 342 0.08 -11.25 -24.66
CA CYS B 342 -1.29 -11.67 -24.40
C CYS B 342 -2.24 -10.51 -24.68
N LYS B 343 -3.52 -10.85 -24.84
CA LYS B 343 -4.53 -9.85 -25.15
C LYS B 343 -4.62 -8.81 -24.03
N SER B 344 -4.86 -7.56 -24.43
CA SER B 344 -5.01 -6.49 -23.45
C SER B 344 -6.20 -6.72 -22.54
N SER B 345 -7.29 -7.27 -23.10
CA SER B 345 -8.47 -7.56 -22.28
C SER B 345 -8.21 -8.69 -21.30
N GLN B 346 -7.26 -9.57 -21.60
CA GLN B 346 -6.97 -10.68 -20.71
C GLN B 346 -6.43 -10.21 -19.37
N VAL B 347 -5.63 -9.15 -19.37
CA VAL B 347 -5.05 -8.58 -18.17
C VAL B 347 -6.00 -7.49 -17.67
N GLN B 348 -6.48 -7.65 -16.44
CA GLN B 348 -7.41 -6.69 -15.85
C GLN B 348 -6.69 -5.74 -14.91
N ARG B 349 -7.31 -4.59 -14.68
CA ARG B 349 -6.70 -3.54 -13.87
C ARG B 349 -6.50 -4.01 -12.43
N ARG B 350 -7.45 -4.79 -11.91
CA ARG B 350 -7.43 -5.17 -10.49
C ARG B 350 -6.21 -6.01 -10.13
N PHE B 351 -5.55 -6.63 -11.11
CA PHE B 351 -4.43 -7.50 -10.83
C PHE B 351 -3.11 -6.77 -10.67
N PHE B 352 -3.09 -5.45 -10.85
CA PHE B 352 -1.83 -4.71 -10.75
C PHE B 352 -1.28 -4.78 -9.33
N MET B 353 0.01 -5.06 -9.22
CA MET B 353 0.68 -5.15 -7.93
C MET B 353 1.98 -4.37 -7.96
N GLY B 354 2.64 -4.31 -6.80
CA GLY B 354 3.82 -3.51 -6.61
C GLY B 354 3.49 -2.10 -6.18
N ASN B 355 4.50 -1.44 -5.58
CA ASN B 355 4.36 -0.07 -5.13
C ASN B 355 4.87 0.93 -6.17
N GLN B 356 5.25 0.45 -7.36
CA GLN B 356 5.90 1.29 -8.35
C GLN B 356 5.27 1.06 -9.71
N VAL B 357 5.45 2.05 -10.59
CA VAL B 357 5.11 1.94 -12.00
C VAL B 357 6.32 2.43 -12.79
N LEU B 358 6.78 1.61 -13.73
CA LEU B 358 7.97 1.92 -14.50
C LEU B 358 7.59 2.39 -15.89
N LYS B 359 8.31 3.36 -16.42
CA LYS B 359 8.16 3.81 -17.79
C LYS B 359 9.50 3.63 -18.50
N VAL B 360 9.47 2.93 -19.62
CA VAL B 360 10.69 2.48 -20.30
C VAL B 360 10.75 3.12 -21.68
N PHE B 361 11.88 3.76 -21.97
CA PHE B 361 12.26 4.18 -23.30
C PHE B 361 13.44 3.33 -23.77
N ALA B 362 13.80 3.50 -25.03
CA ALA B 362 15.03 2.91 -25.53
C ALA B 362 16.24 3.57 -24.88
N ALA B 363 17.40 2.95 -25.06
CA ALA B 363 18.63 3.53 -24.53
C ALA B 363 18.86 4.91 -25.13
N ARG B 364 19.30 5.83 -24.28
CA ARG B 364 19.51 7.20 -24.72
C ARG B 364 20.55 7.26 -25.83
N ASP B 365 20.27 8.09 -26.85
CA ASP B 365 21.17 8.29 -27.98
C ASP B 365 21.43 6.99 -28.73
N ASP B 366 20.37 6.22 -28.98
CA ASP B 366 20.44 4.99 -29.77
C ASP B 366 19.25 5.00 -30.73
N GLU B 367 19.49 5.43 -31.97
CA GLU B 367 18.40 5.54 -32.93
C GLU B 367 17.83 4.17 -33.29
N ALA B 368 18.70 3.17 -33.45
CA ALA B 368 18.23 1.83 -33.80
C ALA B 368 17.33 1.26 -32.72
N ALA B 369 17.75 1.36 -31.46
CA ALA B 369 16.90 0.90 -30.37
C ALA B 369 15.61 1.70 -30.30
N ALA B 370 15.68 3.01 -30.56
CA ALA B 370 14.49 3.85 -30.52
C ALA B 370 13.47 3.40 -31.56
N VAL B 371 13.91 3.19 -32.81
CA VAL B 371 12.96 2.79 -33.84
C VAL B 371 12.46 1.38 -33.59
N ALA B 372 13.32 0.48 -33.08
CA ALA B 372 12.87 -0.86 -32.76
C ALA B 372 11.77 -0.84 -31.70
N LEU B 373 11.98 -0.05 -30.64
CA LEU B 373 11.00 0.01 -29.57
C LEU B 373 9.72 0.70 -30.03
N SER B 374 9.84 1.72 -30.90
CA SER B 374 8.65 2.37 -31.43
C SER B 374 7.84 1.42 -32.31
N SER B 375 8.51 0.64 -33.15
CA SER B 375 7.80 -0.32 -33.99
C SER B 375 7.15 -1.39 -33.12
N LEU B 376 7.82 -1.82 -32.05
CA LEU B 376 7.20 -2.77 -31.13
C LEU B 376 5.95 -2.18 -30.49
N ILE B 377 6.01 -0.91 -30.07
CA ILE B 377 4.85 -0.24 -29.50
C ILE B 377 3.71 -0.21 -30.51
N HIS B 378 4.00 0.16 -31.76
CA HIS B 378 2.96 0.23 -32.76
C HIS B 378 2.35 -1.14 -33.02
N ALA B 379 3.18 -2.17 -33.08
CA ALA B 379 2.67 -3.53 -33.26
C ALA B 379 1.76 -3.93 -32.10
N LEU B 380 2.16 -3.60 -30.87
CA LEU B 380 1.31 -3.90 -29.72
C LEU B 380 -0.02 -3.15 -29.80
N ASP B 381 0.02 -1.90 -30.24
CA ASP B 381 -1.21 -1.12 -30.36
C ASP B 381 -2.15 -1.74 -31.38
N ASP B 382 -1.63 -2.06 -32.57
CA ASP B 382 -2.48 -2.60 -33.63
C ASP B 382 -3.02 -3.97 -33.28
N LEU B 383 -2.26 -4.77 -32.54
CA LEU B 383 -2.67 -6.12 -32.20
C LEU B 383 -3.42 -6.22 -30.88
N ASP B 384 -3.58 -5.11 -30.15
CA ASP B 384 -4.17 -5.11 -28.82
C ASP B 384 -3.43 -6.10 -27.92
N MET B 385 -2.13 -5.85 -27.77
CA MET B 385 -1.21 -6.80 -27.18
C MET B 385 -0.46 -6.16 -26.02
N VAL B 386 -0.18 -6.95 -24.99
CA VAL B 386 0.64 -6.53 -23.86
C VAL B 386 1.66 -7.62 -23.59
N ALA B 387 2.87 -7.21 -23.21
CA ALA B 387 4.00 -8.13 -23.09
C ALA B 387 4.25 -8.48 -21.63
N ILE B 388 4.29 -9.77 -21.34
CA ILE B 388 4.67 -10.23 -20.01
C ILE B 388 6.19 -10.21 -19.89
N VAL B 389 6.71 -9.53 -18.88
CA VAL B 389 8.14 -9.32 -18.73
C VAL B 389 8.58 -9.77 -17.36
N ARG B 390 9.72 -10.47 -17.30
CA ARG B 390 10.36 -10.83 -16.04
C ARG B 390 11.39 -9.76 -15.70
N TYR B 391 11.16 -9.05 -14.61
CA TYR B 391 12.01 -7.94 -14.20
C TYR B 391 12.93 -8.35 -13.07
N ALA B 392 14.11 -7.73 -13.04
CA ALA B 392 15.06 -7.92 -11.95
C ALA B 392 15.92 -6.68 -11.85
N TYR B 393 15.87 -6.01 -10.70
CA TYR B 393 16.64 -4.79 -10.52
C TYR B 393 18.14 -5.05 -10.64
N ASP B 394 18.61 -6.13 -10.01
CA ASP B 394 20.03 -6.50 -10.04
C ASP B 394 20.13 -7.93 -9.55
N LYS B 395 21.37 -8.38 -9.30
CA LYS B 395 21.59 -9.73 -8.80
C LYS B 395 20.91 -9.95 -7.47
N ARG B 396 21.01 -8.98 -6.57
CA ARG B 396 20.39 -9.09 -5.25
C ARG B 396 18.88 -8.96 -5.27
N ALA B 397 18.30 -8.56 -6.41
CA ALA B 397 16.89 -8.25 -6.47
C ALA B 397 16.04 -9.50 -6.54
N ASN B 398 14.84 -9.41 -6.00
CA ASN B 398 13.86 -10.47 -6.17
C ASN B 398 13.35 -10.46 -7.61
N PRO B 399 13.33 -11.61 -8.28
CA PRO B 399 12.85 -11.66 -9.66
C PRO B 399 11.34 -11.47 -9.71
N GLN B 400 10.90 -10.30 -10.15
CA GLN B 400 9.49 -10.01 -10.29
C GLN B 400 9.00 -10.44 -11.67
N VAL B 401 7.70 -10.66 -11.77
CA VAL B 401 7.04 -10.86 -13.05
C VAL B 401 5.99 -9.77 -13.17
N GLY B 402 5.74 -9.31 -14.40
CA GLY B 402 4.77 -8.24 -14.54
C GLY B 402 4.35 -8.07 -15.97
N VAL B 403 3.50 -7.06 -16.18
CA VAL B 403 2.97 -6.75 -17.50
C VAL B 403 3.54 -5.41 -17.95
N ALA B 404 3.67 -5.26 -19.27
CA ALA B 404 4.08 -3.99 -19.86
C ALA B 404 3.20 -3.74 -21.06
N PHE B 405 2.63 -2.53 -21.12
CA PHE B 405 1.79 -2.18 -22.24
C PHE B 405 2.28 -0.89 -22.88
N PRO B 406 2.03 -0.71 -24.17
CA PRO B 406 2.46 0.52 -24.84
C PRO B 406 1.70 1.73 -24.31
N HIS B 407 2.36 2.88 -24.39
CA HIS B 407 1.74 4.14 -23.97
C HIS B 407 2.28 5.24 -24.88
N ILE B 408 1.45 5.74 -25.79
CA ILE B 408 1.87 6.71 -26.78
C ILE B 408 1.36 8.09 -26.39
N LYS B 409 2.26 9.05 -26.32
CA LYS B 409 1.94 10.45 -26.09
C LYS B 409 2.32 11.27 -27.31
N HIS B 410 1.99 12.56 -27.27
CA HIS B 410 2.32 13.43 -28.38
C HIS B 410 3.82 13.72 -28.44
N ASN B 411 4.48 13.77 -27.29
CA ASN B 411 5.90 14.11 -27.23
C ASN B 411 6.81 12.89 -27.15
N TYR B 412 6.27 11.70 -26.91
CA TYR B 412 7.09 10.50 -26.72
C TYR B 412 6.17 9.29 -26.80
N GLU B 413 6.78 8.11 -26.65
CA GLU B 413 6.04 6.87 -26.50
C GLU B 413 6.92 5.90 -25.74
N CYS B 414 6.30 5.13 -24.83
CA CYS B 414 7.06 4.34 -23.87
C CYS B 414 6.35 3.02 -23.64
N LEU B 415 6.99 2.17 -22.84
CA LEU B 415 6.38 0.95 -22.34
C LEU B 415 6.17 1.10 -20.84
N VAL B 416 4.93 0.96 -20.40
CA VAL B 416 4.58 1.11 -18.98
C VAL B 416 4.51 -0.28 -18.37
N TYR B 417 5.30 -0.50 -17.34
CA TYR B 417 5.42 -1.80 -16.68
C TYR B 417 4.88 -1.71 -15.26
N VAL B 418 4.06 -2.69 -14.90
CA VAL B 418 3.55 -2.85 -13.55
C VAL B 418 3.72 -4.32 -13.15
N GLN B 419 4.25 -4.55 -11.95
CA GLN B 419 4.45 -5.91 -11.50
C GLN B 419 3.12 -6.62 -11.29
N LEU B 420 3.02 -7.83 -11.81
CA LEU B 420 1.89 -8.72 -11.68
C LEU B 420 2.12 -9.68 -10.53
N PRO B 421 1.05 -10.24 -9.95
CA PRO B 421 1.22 -11.11 -8.79
C PRO B 421 1.40 -12.58 -9.17
N PHE B 422 2.11 -13.29 -8.31
CA PHE B 422 2.17 -14.74 -8.39
C PHE B 422 0.85 -15.33 -7.87
N MET B 423 0.67 -16.63 -8.13
CA MET B 423 -0.58 -17.29 -7.75
C MET B 423 -0.76 -17.33 -6.24
N GLU B 424 0.34 -17.28 -5.48
CA GLU B 424 0.22 -17.26 -4.03
C GLU B 424 -0.41 -15.97 -3.53
N ASP B 425 -0.23 -14.88 -4.27
CA ASP B 425 -0.80 -13.60 -3.87
C ASP B 425 -2.32 -13.58 -3.95
N LEU B 426 -2.92 -14.49 -4.72
CA LEU B 426 -4.35 -14.45 -4.95
C LEU B 426 -5.13 -14.97 -3.75
N ARG B 427 -6.29 -14.36 -3.50
CA ARG B 427 -7.21 -14.79 -2.46
C ARG B 427 -8.62 -14.57 -3.00
N GLN B 428 -9.24 -15.63 -3.49
CA GLN B 428 -10.57 -15.53 -4.07
C GLN B 428 -11.64 -15.84 -3.02
N TYR B 429 -12.86 -15.37 -3.30
CA TYR B 429 -13.97 -15.52 -2.37
C TYR B 429 -15.25 -15.66 -3.18
N MET B 430 -16.38 -15.72 -2.47
CA MET B 430 -17.70 -15.68 -3.09
C MET B 430 -18.53 -14.59 -2.46
N PHE B 431 -19.52 -14.12 -3.21
CA PHE B 431 -20.43 -13.09 -2.73
C PHE B 431 -21.81 -13.37 -3.33
N SER B 432 -22.80 -12.58 -2.91
CA SER B 432 -24.17 -12.73 -3.38
C SER B 432 -24.39 -11.93 -4.65
N SER B 433 -25.22 -12.48 -5.54
CA SER B 433 -25.56 -11.81 -6.79
C SER B 433 -26.52 -10.66 -6.49
N LEU B 434 -25.99 -9.45 -6.43
CA LEU B 434 -26.82 -8.29 -6.13
C LEU B 434 -27.82 -8.02 -7.24
N LYS B 435 -27.42 -8.23 -8.50
CA LYS B 435 -28.31 -7.99 -9.62
C LYS B 435 -29.53 -8.90 -9.59
N ASN B 436 -29.46 -10.02 -8.88
CA ASN B 436 -30.59 -10.94 -8.74
C ASN B 436 -30.95 -11.17 -7.28
N SER B 437 -30.60 -10.24 -6.39
CA SER B 437 -30.88 -10.41 -4.97
C SER B 437 -32.38 -10.47 -4.73
N LYS B 438 -32.81 -11.45 -3.93
CA LYS B 438 -34.22 -11.64 -3.65
C LYS B 438 -34.76 -10.67 -2.61
N LYS B 439 -33.88 -10.01 -1.85
CA LYS B 439 -34.30 -9.09 -0.82
C LYS B 439 -33.79 -7.66 -1.01
N TYR B 440 -32.76 -7.46 -1.83
CA TYR B 440 -32.20 -6.14 -2.06
C TYR B 440 -32.56 -5.58 -3.44
N ALA B 441 -33.72 -5.96 -3.96
CA ALA B 441 -34.14 -5.43 -5.26
C ALA B 441 -34.70 -4.03 -5.08
N PRO B 442 -34.05 -3.02 -5.63
CA PRO B 442 -34.54 -1.65 -5.48
C PRO B 442 -35.74 -1.38 -6.38
N THR B 443 -36.57 -0.44 -5.94
CA THR B 443 -37.70 -0.02 -6.74
C THR B 443 -37.22 0.87 -7.88
N GLU B 444 -38.06 0.98 -8.91
CA GLU B 444 -37.73 1.82 -10.06
C GLU B 444 -37.55 3.27 -9.64
N ALA B 445 -38.38 3.74 -8.70
CA ALA B 445 -38.25 5.10 -8.20
C ALA B 445 -36.89 5.33 -7.57
N GLN B 446 -36.38 4.33 -6.83
CA GLN B 446 -35.03 4.45 -6.28
C GLN B 446 -33.99 4.54 -7.38
N LEU B 447 -34.17 3.78 -8.47
CA LEU B 447 -33.25 3.88 -9.59
C LEU B 447 -33.27 5.27 -10.21
N ASN B 448 -34.46 5.84 -10.39
CA ASN B 448 -34.54 7.20 -10.91
C ASN B 448 -33.89 8.21 -9.97
N ALA B 449 -34.09 8.03 -8.66
CA ALA B 449 -33.51 8.95 -7.70
C ALA B 449 -31.99 8.91 -7.73
N VAL B 450 -31.41 7.71 -7.76
CA VAL B 450 -29.95 7.61 -7.79
C VAL B 450 -29.42 8.06 -9.14
N ASP B 451 -30.19 7.87 -10.21
CA ASP B 451 -29.80 8.42 -11.50
C ASP B 451 -29.71 9.95 -11.45
N ALA B 452 -30.72 10.58 -10.84
CA ALA B 452 -30.70 12.02 -10.68
C ALA B 452 -29.52 12.45 -9.81
N LEU B 453 -29.22 11.68 -8.77
CA LEU B 453 -28.07 11.98 -7.92
C LEU B 453 -26.78 11.94 -8.71
N ILE B 454 -26.60 10.91 -9.52
CA ILE B 454 -25.39 10.79 -10.33
C ILE B 454 -25.30 11.94 -11.32
N ASP B 455 -26.42 12.29 -11.96
CA ASP B 455 -26.41 13.40 -12.89
C ASP B 455 -26.03 14.71 -12.20
N SER B 456 -26.55 14.92 -10.99
CA SER B 456 -26.26 16.16 -10.27
C SER B 456 -24.85 16.16 -9.70
N MET B 457 -24.30 14.99 -9.39
CA MET B 457 -23.01 14.89 -8.71
C MET B 457 -21.88 14.53 -9.67
N SER B 458 -21.93 15.03 -10.90
CA SER B 458 -20.86 14.80 -11.85
C SER B 458 -19.67 15.69 -11.55
N LEU B 459 -18.47 15.13 -11.69
CA LEU B 459 -17.23 15.87 -11.47
C LEU B 459 -16.50 16.19 -12.76
N ALA B 460 -17.16 16.00 -13.91
CA ALA B 460 -16.55 16.31 -15.20
C ALA B 460 -17.66 16.69 -16.17
N LYS B 461 -17.52 17.84 -16.81
CA LYS B 461 -18.54 18.37 -17.70
C LYS B 461 -18.11 18.20 -19.14
N LYS B 462 -19.00 17.66 -19.96
CA LYS B 462 -18.67 17.42 -21.37
C LYS B 462 -18.92 18.70 -22.15
N ASP B 463 -17.85 19.43 -22.44
CA ASP B 463 -17.95 20.56 -23.37
C ASP B 463 -18.35 20.04 -24.74
N GLU B 464 -19.19 20.79 -25.43
CA GLU B 464 -19.75 20.33 -26.69
C GLU B 464 -19.39 21.21 -27.89
N LYS B 465 -18.83 22.40 -27.68
CA LYS B 465 -18.36 23.18 -28.81
C LYS B 465 -17.23 22.47 -29.54
N THR B 466 -16.34 21.82 -28.77
CA THR B 466 -15.34 20.92 -29.32
C THR B 466 -15.67 19.46 -29.02
N ASP B 467 -16.77 19.19 -28.30
CA ASP B 467 -17.22 17.84 -27.97
C ASP B 467 -16.15 17.05 -27.23
N THR B 468 -15.52 17.69 -26.26
CA THR B 468 -14.52 17.05 -25.40
C THR B 468 -14.92 17.19 -23.94
N LEU B 469 -14.73 16.12 -23.18
CA LEU B 469 -15.03 16.12 -21.76
C LEU B 469 -13.91 16.81 -20.98
N GLU B 470 -14.27 17.82 -20.20
CA GLU B 470 -13.32 18.51 -19.32
C GLU B 470 -13.57 18.06 -17.89
N ASP B 471 -12.53 17.53 -17.25
CA ASP B 471 -12.63 17.14 -15.86
C ASP B 471 -12.69 18.37 -14.97
N LEU B 472 -13.67 18.41 -14.09
CA LEU B 472 -13.83 19.51 -13.16
C LEU B 472 -13.15 19.25 -11.82
N PHE B 473 -12.49 18.10 -11.67
CA PHE B 473 -11.84 17.73 -10.41
C PHE B 473 -10.61 16.88 -10.70
N PRO B 474 -9.53 17.50 -11.18
CA PRO B 474 -8.30 16.74 -11.43
C PRO B 474 -7.53 16.45 -10.16
N THR B 475 -7.60 15.21 -9.68
CA THR B 475 -6.92 14.85 -8.44
C THR B 475 -5.42 14.65 -8.65
N THR B 476 -5.01 14.23 -9.85
CA THR B 476 -3.60 13.97 -10.10
C THR B 476 -2.75 15.23 -9.99
N LYS B 477 -3.36 16.41 -10.05
CA LYS B 477 -2.63 17.66 -9.90
C LYS B 477 -2.61 18.15 -8.45
N ILE B 478 -3.53 17.67 -7.62
CA ILE B 478 -3.55 18.05 -6.21
C ILE B 478 -2.35 17.45 -5.50
N PRO B 479 -1.61 18.20 -4.69
CA PRO B 479 -0.48 17.61 -3.95
C PRO B 479 -0.95 16.83 -2.74
N ASN B 480 -0.01 16.32 -1.94
CA ASN B 480 -0.36 15.57 -0.74
C ASN B 480 -0.52 16.53 0.43
N PRO B 481 -1.71 16.63 1.03
CA PRO B 481 -1.88 17.55 2.17
C PRO B 481 -1.11 17.13 3.40
N ARG B 482 -0.66 15.88 3.48
CA ARG B 482 0.07 15.42 4.64
C ARG B 482 1.35 16.22 4.84
N PHE B 483 2.11 16.43 3.77
CA PHE B 483 3.35 17.17 3.87
C PHE B 483 3.10 18.62 4.25
N GLN B 484 2.05 19.22 3.70
CA GLN B 484 1.73 20.60 4.04
C GLN B 484 1.33 20.74 5.50
N ARG B 485 0.54 19.80 6.01
CA ARG B 485 0.17 19.83 7.43
C ARG B 485 1.41 19.66 8.31
N LEU B 486 2.30 18.75 7.91
CA LEU B 486 3.53 18.55 8.68
C LEU B 486 4.37 19.83 8.70
N PHE B 487 4.51 20.48 7.55
CA PHE B 487 5.28 21.72 7.49
C PHE B 487 4.64 22.80 8.33
N GLN B 488 3.32 22.92 8.27
CA GLN B 488 2.61 23.93 9.06
C GLN B 488 2.83 23.71 10.54
N CYS B 489 2.68 22.46 11.00
CA CYS B 489 2.87 22.17 12.41
C CYS B 489 4.30 22.44 12.85
N LEU B 490 5.28 22.04 12.04
CA LEU B 490 6.68 22.26 12.40
C LEU B 490 6.99 23.75 12.48
N LEU B 491 6.50 24.53 11.51
CA LEU B 491 6.73 25.96 11.54
C LEU B 491 6.09 26.60 12.76
N HIS B 492 4.85 26.22 13.06
CA HIS B 492 4.16 26.81 14.20
C HIS B 492 4.88 26.46 15.50
N ARG B 493 5.35 25.23 15.64
CA ARG B 493 6.11 24.86 16.83
C ARG B 493 7.41 25.64 16.92
N ALA B 494 8.12 25.78 15.80
CA ALA B 494 9.41 26.47 15.82
C ALA B 494 9.25 27.93 16.19
N LEU B 495 8.26 28.60 15.62
CA LEU B 495 8.05 30.01 15.94
C LEU B 495 7.44 30.21 17.32
N HIS B 496 6.61 29.26 17.77
CA HIS B 496 5.97 29.38 19.07
C HIS B 496 5.96 28.02 19.76
N PRO B 497 6.70 27.87 20.86
CA PRO B 497 6.79 26.56 21.52
C PRO B 497 5.74 26.28 22.58
N ARG B 498 4.98 27.29 23.00
CA ARG B 498 4.06 27.14 24.12
C ARG B 498 2.62 27.34 23.66
N GLU B 499 2.28 26.79 22.50
CA GLU B 499 0.93 26.85 21.96
C GLU B 499 0.56 25.48 21.41
N PRO B 500 -0.73 25.15 21.36
CA PRO B 500 -1.14 23.85 20.81
C PRO B 500 -0.95 23.79 19.30
N LEU B 501 -1.23 22.64 18.71
CA LEU B 501 -1.08 22.49 17.27
C LEU B 501 -2.08 23.40 16.55
N PRO B 502 -1.64 24.15 15.54
CA PRO B 502 -2.56 25.05 14.86
C PRO B 502 -3.59 24.28 14.06
N PRO B 503 -4.77 24.84 13.84
CA PRO B 503 -5.79 24.16 13.05
C PRO B 503 -5.49 24.21 11.56
N ILE B 504 -6.17 23.34 10.83
CA ILE B 504 -6.00 23.26 9.39
C ILE B 504 -6.60 24.51 8.75
N GLN B 505 -5.87 25.10 7.80
CA GLN B 505 -6.36 26.29 7.12
C GLN B 505 -7.54 25.95 6.21
N GLN B 506 -8.31 26.98 5.89
CA GLN B 506 -9.51 26.79 5.07
C GLN B 506 -9.15 26.32 3.67
N HIS B 507 -8.09 26.88 3.09
CA HIS B 507 -7.73 26.52 1.72
C HIS B 507 -7.37 25.05 1.59
N ILE B 508 -6.86 24.44 2.66
CA ILE B 508 -6.57 23.01 2.63
C ILE B 508 -7.85 22.21 2.49
N TRP B 509 -8.91 22.59 3.21
CA TRP B 509 -10.19 21.94 3.01
C TRP B 509 -10.76 22.23 1.63
N ASN B 510 -10.61 23.46 1.16
CA ASN B 510 -11.16 23.84 -0.14
C ASN B 510 -10.51 23.04 -1.27
N MET B 511 -9.18 22.88 -1.22
CA MET B 511 -8.50 22.10 -2.23
C MET B 511 -8.87 20.63 -2.18
N LEU B 512 -9.30 20.13 -1.02
CA LEU B 512 -9.70 18.74 -0.87
C LEU B 512 -11.20 18.54 -1.05
N ASN B 513 -11.96 19.61 -1.28
CA ASN B 513 -13.40 19.48 -1.41
C ASN B 513 -13.84 19.71 -2.85
N PRO B 514 -14.94 19.08 -3.26
CA PRO B 514 -15.42 19.26 -4.64
C PRO B 514 -15.97 20.67 -4.84
N PRO B 515 -16.17 21.08 -6.08
CA PRO B 515 -16.77 22.41 -6.32
C PRO B 515 -18.15 22.51 -5.69
N ALA B 516 -18.46 23.71 -5.20
CA ALA B 516 -19.71 23.92 -4.47
C ALA B 516 -20.93 23.64 -5.34
N GLU B 517 -20.82 23.85 -6.66
CA GLU B 517 -21.94 23.58 -7.54
C GLU B 517 -22.36 22.12 -7.50
N VAL B 518 -21.39 21.21 -7.33
CA VAL B 518 -21.72 19.79 -7.22
C VAL B 518 -22.61 19.55 -6.00
N THR B 519 -22.24 20.13 -4.86
CA THR B 519 -23.04 19.99 -3.66
C THR B 519 -24.43 20.61 -3.83
N THR B 520 -24.47 21.79 -4.47
CA THR B 520 -25.75 22.45 -4.67
C THR B 520 -26.68 21.61 -5.54
N LYS B 521 -26.13 21.02 -6.61
CA LYS B 521 -26.95 20.14 -7.45
C LYS B 521 -27.38 18.89 -6.68
N SER B 522 -26.48 18.32 -5.88
CA SER B 522 -26.80 17.08 -5.18
C SER B 522 -27.72 17.28 -4.00
N GLN B 523 -27.92 18.52 -3.56
CA GLN B 523 -28.75 18.80 -2.39
C GLN B 523 -30.09 18.07 -2.44
N ILE B 524 -30.92 18.40 -3.42
CA ILE B 524 -32.28 17.86 -3.51
C ILE B 524 -32.29 16.35 -3.73
N PRO B 525 -31.52 15.81 -4.69
CA PRO B 525 -31.55 14.34 -4.87
C PRO B 525 -31.11 13.57 -3.65
N LEU B 526 -30.17 14.09 -2.86
CA LEU B 526 -29.75 13.40 -1.65
C LEU B 526 -30.90 13.24 -0.68
N SER B 527 -31.63 14.34 -0.42
CA SER B 527 -32.77 14.26 0.47
C SER B 527 -33.87 13.38 -0.10
N LYS B 528 -34.06 13.41 -1.42
CA LYS B 528 -35.04 12.54 -2.04
C LYS B 528 -34.68 11.07 -1.83
N ILE B 529 -33.40 10.73 -1.95
CA ILE B 529 -32.95 9.36 -1.73
C ILE B 529 -33.09 8.99 -0.26
N LYS B 530 -32.89 9.95 0.65
CA LYS B 530 -32.93 9.65 2.08
C LYS B 530 -34.26 9.05 2.49
N THR B 531 -35.34 9.36 1.78
CA THR B 531 -36.65 8.79 2.07
C THR B 531 -36.77 7.32 1.67
N LEU B 532 -35.68 6.69 1.24
CA LEU B 532 -35.72 5.34 0.72
C LEU B 532 -34.80 4.40 1.49
N ALA C 1 25.20 -2.81 52.81
CA ALA C 1 25.44 -2.72 51.38
C ALA C 1 24.12 -2.77 50.61
N ILE C 2 24.19 -3.11 49.33
CA ILE C 2 23.02 -3.23 48.47
C ILE C 2 23.12 -4.51 47.66
N TYR C 3 22.05 -5.30 47.66
CA TYR C 3 21.97 -6.52 46.89
C TYR C 3 20.72 -6.47 46.01
N LEU C 4 20.80 -7.13 44.85
CA LEU C 4 19.74 -7.10 43.87
C LEU C 4 19.18 -8.50 43.65
N VAL C 5 17.87 -8.58 43.46
CA VAL C 5 17.18 -9.84 43.23
C VAL C 5 17.25 -10.13 41.74
N GLU C 6 18.16 -11.04 41.35
CA GLU C 6 18.34 -11.34 39.94
C GLU C 6 17.10 -11.90 39.24
N PRO C 7 16.31 -12.82 39.82
CA PRO C 7 15.14 -13.31 39.08
C PRO C 7 14.13 -12.20 38.83
N ARG C 8 13.45 -12.30 37.69
CA ARG C 8 12.49 -11.31 37.21
C ARG C 8 13.15 -9.95 36.97
N MET C 9 14.47 -9.90 36.97
CA MET C 9 15.20 -8.65 36.75
C MET C 9 16.21 -8.72 35.61
N GLY C 10 16.52 -9.92 35.10
CA GLY C 10 17.47 -10.03 34.03
C GLY C 10 18.90 -9.98 34.52
N ARG C 11 19.73 -10.95 34.10
CA ARG C 11 21.10 -11.00 34.58
C ARG C 11 21.95 -9.87 33.98
N SER C 12 21.81 -9.62 32.67
CA SER C 12 22.57 -8.54 32.05
C SER C 12 22.16 -7.18 32.59
N ARG C 13 20.85 -6.96 32.73
CA ARG C 13 20.38 -5.69 33.27
C ARG C 13 20.82 -5.52 34.73
N ARG C 14 20.76 -6.59 35.52
CA ARG C 14 21.25 -6.51 36.88
C ARG C 14 22.73 -6.22 36.93
N ALA C 15 23.51 -6.82 36.04
CA ALA C 15 24.94 -6.55 36.00
C ALA C 15 25.22 -5.09 35.63
N PHE C 16 24.47 -4.55 34.68
CA PHE C 16 24.61 -3.15 34.33
C PHE C 16 24.27 -2.25 35.50
N LEU C 17 23.19 -2.56 36.22
CA LEU C 17 22.80 -1.79 37.38
C LEU C 17 23.87 -1.86 38.46
N THR C 18 24.42 -3.05 38.70
CA THR C 18 25.48 -3.21 39.69
C THR C 18 26.72 -2.42 39.30
N GLY C 19 27.07 -2.44 38.02
CA GLY C 19 28.22 -1.67 37.58
C GLY C 19 28.04 -0.18 37.79
N LEU C 20 26.88 0.34 37.40
CA LEU C 20 26.64 1.77 37.57
C LEU C 20 26.51 2.14 39.04
N ALA C 21 26.02 1.23 39.88
CA ALA C 21 25.89 1.53 41.31
C ALA C 21 27.23 1.48 42.02
N ARG C 22 28.10 0.53 41.65
CA ARG C 22 29.43 0.48 42.24
C ARG C 22 30.30 1.63 41.74
N SER C 23 30.10 2.06 40.49
CA SER C 23 30.76 3.26 40.02
C SER C 23 30.20 4.51 40.68
N LYS C 24 29.07 4.41 41.38
CA LYS C 24 28.53 5.51 42.14
C LYS C 24 29.16 5.64 43.53
N GLY C 25 30.01 4.70 43.92
CA GLY C 25 30.78 4.80 45.15
C GLY C 25 30.21 4.06 46.33
N PHE C 26 29.00 3.52 46.24
CA PHE C 26 28.36 2.85 47.36
C PHE C 26 28.47 1.33 47.21
N ARG C 27 28.49 0.65 48.35
CA ARG C 27 28.81 -0.78 48.42
C ARG C 27 27.65 -1.60 47.86
N VAL C 28 27.93 -2.37 46.82
CA VAL C 28 26.96 -3.28 46.22
C VAL C 28 27.53 -4.69 46.24
N LEU C 29 26.67 -5.66 46.52
CA LEU C 29 27.06 -7.05 46.67
C LEU C 29 26.32 -7.92 45.68
N ASP C 30 27.00 -8.94 45.15
CA ASP C 30 26.41 -9.83 44.15
C ASP C 30 25.71 -11.03 44.76
N ALA C 31 25.99 -11.36 46.03
CA ALA C 31 25.45 -12.55 46.67
C ALA C 31 24.42 -12.16 47.72
N CYS C 32 23.46 -13.04 47.94
CA CYS C 32 22.41 -12.82 48.93
C CYS C 32 22.94 -13.18 50.31
N SER C 33 23.06 -12.18 51.17
CA SER C 33 23.56 -12.38 52.53
C SER C 33 22.91 -11.33 53.43
N SER C 34 23.46 -11.14 54.62
CA SER C 34 22.93 -10.18 55.58
C SER C 34 23.69 -8.86 55.61
N GLU C 35 24.87 -8.79 54.98
CA GLU C 35 25.62 -7.54 54.96
C GLU C 35 24.86 -6.45 54.20
N ALA C 36 24.26 -6.82 53.06
CA ALA C 36 23.50 -5.86 52.27
C ALA C 36 22.29 -5.35 53.04
N THR C 37 22.30 -4.05 53.36
CA THR C 37 21.23 -3.43 54.12
C THR C 37 20.12 -2.87 53.21
N HIS C 38 20.19 -3.12 51.91
CA HIS C 38 19.19 -2.63 50.97
C HIS C 38 19.04 -3.64 49.85
N VAL C 39 17.82 -4.14 49.64
CA VAL C 39 17.53 -5.07 48.56
C VAL C 39 16.26 -4.62 47.84
N VAL C 40 16.35 -4.44 46.53
CA VAL C 40 15.27 -3.88 45.73
C VAL C 40 14.61 -5.00 44.93
N MET C 41 13.29 -5.10 45.04
CA MET C 41 12.52 -6.08 44.27
C MET C 41 12.12 -5.48 42.92
N GLU C 42 11.34 -6.26 42.16
CA GLU C 42 10.95 -5.87 40.80
C GLU C 42 9.43 -6.03 40.68
N GLU C 43 8.71 -5.00 41.13
CA GLU C 43 7.24 -4.96 41.22
C GLU C 43 6.65 -6.32 41.62
N THR C 44 7.23 -6.92 42.64
CA THR C 44 6.75 -8.19 43.16
C THR C 44 5.71 -7.96 44.24
N SER C 45 4.80 -8.91 44.38
CA SER C 45 3.76 -8.83 45.38
C SER C 45 4.35 -8.99 46.79
N ALA C 46 3.58 -8.56 47.79
CA ALA C 46 4.04 -8.63 49.16
C ALA C 46 4.24 -10.09 49.61
N GLU C 47 3.38 -10.99 49.16
CA GLU C 47 3.55 -12.40 49.51
C GLU C 47 4.80 -12.98 48.86
N GLU C 48 5.08 -12.60 47.61
CA GLU C 48 6.34 -12.99 47.00
C GLU C 48 7.53 -12.38 47.73
N ALA C 49 7.38 -11.15 48.24
CA ALA C 49 8.42 -10.57 49.06
C ALA C 49 8.64 -11.38 50.32
N VAL C 50 7.58 -11.86 50.94
CA VAL C 50 7.71 -12.68 52.15
C VAL C 50 8.38 -14.00 51.82
N SER C 51 8.00 -14.63 50.70
CA SER C 51 8.63 -15.89 50.32
C SER C 51 10.12 -15.70 50.04
N TRP C 52 10.47 -14.62 49.34
CA TRP C 52 11.88 -14.36 49.09
C TRP C 52 12.61 -13.98 50.37
N GLN C 53 11.91 -13.37 51.33
CA GLN C 53 12.51 -13.12 52.63
C GLN C 53 12.82 -14.43 53.34
N GLU C 54 11.93 -15.40 53.25
CA GLU C 54 12.20 -16.72 53.81
C GLU C 54 13.39 -17.37 53.11
N ARG C 55 13.45 -17.24 51.78
CA ARG C 55 14.60 -17.78 51.05
C ARG C 55 15.89 -17.09 51.46
N ARG C 56 15.84 -15.80 51.76
CA ARG C 56 17.00 -15.09 52.29
C ARG C 56 17.36 -15.60 53.67
N MET C 57 16.35 -15.84 54.52
CA MET C 57 16.59 -16.49 55.80
C MET C 57 17.35 -17.80 55.63
N ALA C 58 17.03 -18.53 54.55
CA ALA C 58 17.82 -19.72 54.22
C ALA C 58 19.24 -19.34 53.82
N ALA C 59 19.38 -18.39 52.89
CA ALA C 59 20.69 -17.98 52.39
C ALA C 59 21.23 -16.76 53.14
N ALA C 60 21.24 -16.82 54.47
CA ALA C 60 21.80 -15.78 55.34
C ALA C 60 21.73 -16.28 56.78
N PRO C 61 22.52 -15.72 57.69
CA PRO C 61 22.42 -16.11 59.10
C PRO C 61 21.03 -15.85 59.63
N PRO C 62 20.42 -16.82 60.31
CA PRO C 62 19.07 -16.62 60.84
C PRO C 62 19.04 -15.56 61.93
N GLY C 63 17.90 -14.87 62.01
CA GLY C 63 17.70 -13.84 63.01
C GLY C 63 18.30 -12.50 62.67
N CYS C 64 18.98 -12.37 61.53
CA CYS C 64 19.54 -11.09 61.13
C CYS C 64 18.45 -10.15 60.65
N THR C 65 18.72 -8.86 60.79
CA THR C 65 17.74 -7.86 60.35
C THR C 65 17.59 -7.91 58.84
N PRO C 66 16.36 -7.75 58.32
CA PRO C 66 16.17 -7.76 56.88
C PRO C 66 16.75 -6.49 56.26
N PRO C 67 17.16 -6.54 55.00
CA PRO C 67 17.60 -5.31 54.32
C PRO C 67 16.43 -4.40 54.02
N ALA C 68 16.69 -3.27 53.37
CA ALA C 68 15.64 -2.34 52.98
C ALA C 68 14.85 -2.97 51.84
N LEU C 69 13.70 -3.56 52.18
CA LEU C 69 12.87 -4.29 51.22
C LEU C 69 12.01 -3.29 50.44
N LEU C 70 12.67 -2.58 49.54
CA LEU C 70 12.05 -1.55 48.74
C LEU C 70 11.84 -2.04 47.31
N ASP C 71 11.29 -1.17 46.47
CA ASP C 71 11.04 -1.49 45.07
C ASP C 71 11.92 -0.61 44.18
N ILE C 72 11.70 -0.72 42.88
CA ILE C 72 12.54 -0.03 41.91
C ILE C 72 12.41 1.48 42.02
N SER C 73 11.29 1.96 42.58
CA SER C 73 11.06 3.40 42.66
C SER C 73 12.14 4.07 43.50
N TRP C 74 12.43 3.53 44.68
CA TRP C 74 13.47 4.12 45.52
C TRP C 74 14.83 4.02 44.85
N LEU C 75 15.07 2.93 44.13
CA LEU C 75 16.34 2.78 43.42
C LEU C 75 16.51 3.88 42.38
N THR C 76 15.47 4.13 41.59
CA THR C 76 15.55 5.18 40.58
C THR C 76 15.69 6.54 41.22
N GLU C 77 15.00 6.77 42.35
CA GLU C 77 15.16 8.04 43.06
C GLU C 77 16.60 8.23 43.52
N SER C 78 17.19 7.19 44.10
CA SER C 78 18.55 7.29 44.59
C SER C 78 19.55 7.52 43.45
N LEU C 79 19.36 6.82 42.33
CA LEU C 79 20.24 7.02 41.19
C LEU C 79 20.10 8.44 40.62
N GLY C 80 18.86 8.95 40.54
CA GLY C 80 18.67 10.31 40.08
C GLY C 80 19.29 11.34 41.01
N ALA C 81 19.25 11.07 42.32
CA ALA C 81 19.87 11.98 43.28
C ALA C 81 21.37 11.76 43.43
N GLY C 82 21.93 10.72 42.81
CA GLY C 82 23.34 10.44 42.96
C GLY C 82 23.73 9.99 44.35
N GLN C 83 22.77 9.58 45.16
CA GLN C 83 22.98 9.20 46.55
C GLN C 83 21.69 8.61 47.09
N PRO C 84 21.76 7.84 48.17
CA PRO C 84 20.53 7.26 48.74
C PRO C 84 19.52 8.33 49.10
N VAL C 85 18.25 8.03 48.84
CA VAL C 85 17.14 8.94 49.08
C VAL C 85 16.47 8.53 50.39
N PRO C 86 15.85 9.44 51.13
CA PRO C 86 15.02 9.01 52.26
C PRO C 86 13.93 8.04 51.82
N VAL C 87 13.74 7.00 52.61
CA VAL C 87 12.79 5.94 52.27
C VAL C 87 11.37 6.42 52.51
N GLU C 88 10.47 6.10 51.60
CA GLU C 88 9.07 6.49 51.69
C GLU C 88 8.17 5.26 51.68
N CYS C 89 6.88 5.48 51.93
CA CYS C 89 5.95 4.38 52.09
C CYS C 89 5.68 3.66 50.77
N ARG C 90 5.80 4.35 49.64
CA ARG C 90 5.54 3.72 48.34
C ARG C 90 6.67 2.82 47.89
N HIS C 91 7.79 2.78 48.62
CA HIS C 91 8.92 1.95 48.21
C HIS C 91 8.78 0.53 48.74
N ARG C 92 8.65 0.37 50.05
CA ARG C 92 8.52 -0.95 50.63
C ARG C 92 7.13 -1.53 50.36
N LEU C 93 7.05 -2.85 50.38
CA LEU C 93 5.80 -3.56 50.11
C LEU C 93 5.06 -3.86 51.41
#